data_8ITR
#
_entry.id   8ITR
#
_cell.length_a   184.729
_cell.length_b   38.843
_cell.length_c   95.186
_cell.angle_alpha   90.00
_cell.angle_beta   105.11
_cell.angle_gamma   90.00
#
_symmetry.space_group_name_H-M   'C 1 2 1'
#
loop_
_entity.id
_entity.type
_entity.pdbx_description
1 polymer Albumin
2 non-polymer [1-MYRISTOYL-GLYCEROL-3-YL]PHOSPHONYLCHOLINE
3 water water
#
_entity_poly.entity_id   1
_entity_poly.type   'polypeptide(L)'
_entity_poly.pdbx_seq_one_letter_code
;HKSEVAHRFKDLGEENFKALVLIAFAQYLQQCPFEDHVKLVNEVTEFAKTCVADESAENCDKSLHTLFGDKLCTVATLRE
TYGEMADCCAKQEPERNECFLQHKDDNPNLPRLVRPEVDVMCTAFHDNEETFLKKYLYEIARRHPYFYAPELLFFAKRYK
AAFTECCQAADKAACLLPKLDELRDEGKASSAKQRLKCASLQKFGERAFKAWAVARLSQRFPKAEFAEVSKLVTDLTKVH
TECCHGDLLECADDRADLAKYICENQDSISSKLKECCEKPLLEKSHCIAEVENDEMPADLPSLAADFVESKDVCKNYAEA
KDVFLGMFLYEYARRHPDYSVVLLLRLAKTYETTLEKCCAAADPHECYAKVFDEFKPLVEEPQNLIKQNCELFEQLGEYK
FQNALLVRYTKKVPQVSTPTLVEVSRNLGKVGSKCCKHPEAKRMPCAEDYLSVVLNQLCVLHEKTPVSDRVTKCCTESLV
NRRPCFSALEVDETYVPKEFNAETFTFHADICTLSEKERQIKKQTALVELVKHKPKATKEQLKAVMDDFAAFVEKCCKAD
DKETCFAEEGKKLVAASQAALG
;
_entity_poly.pdbx_strand_id   A
#
loop_
_chem_comp.id
_chem_comp.type
_chem_comp.name
_chem_comp.formula
LPC non-polymer [1-MYRISTOYL-GLYCEROL-3-YL]PHOSPHONYLCHOLINE 'C22 H47 N O7 P 1'
#
# COMPACT_ATOMS: atom_id res chain seq x y z
N HIS A 1 23.69 26.00 2.52
CA HIS A 1 24.23 27.20 3.22
C HIS A 1 24.03 28.45 2.36
N LYS A 2 25.11 29.14 1.97
CA LYS A 2 24.95 30.32 1.14
C LYS A 2 24.06 29.99 -0.07
N SER A 3 24.30 28.87 -0.75
CA SER A 3 23.48 28.51 -1.92
C SER A 3 22.83 27.11 -1.81
N GLU A 4 21.54 27.03 -1.47
CA GLU A 4 20.86 25.74 -1.33
C GLU A 4 20.87 24.86 -2.60
N VAL A 5 20.87 25.50 -3.77
CA VAL A 5 20.87 24.74 -5.01
C VAL A 5 22.20 24.00 -5.25
N ALA A 6 23.30 24.55 -4.76
CA ALA A 6 24.62 23.96 -4.98
C ALA A 6 24.82 22.84 -3.99
N HIS A 7 24.34 23.09 -2.79
CA HIS A 7 24.44 22.12 -1.73
C HIS A 7 23.68 20.86 -2.16
N ARG A 8 22.50 21.05 -2.75
CA ARG A 8 21.73 19.90 -3.23
C ARG A 8 22.50 19.13 -4.28
N PHE A 9 23.10 19.86 -5.22
CA PHE A 9 23.85 19.25 -6.31
C PHE A 9 25.09 18.50 -5.86
N LYS A 10 25.83 19.02 -4.88
CA LYS A 10 27.04 18.36 -4.40
C LYS A 10 26.69 17.10 -3.59
N ASP A 11 25.55 17.19 -2.93
CA ASP A 11 24.97 16.17 -2.09
C ASP A 11 24.32 15.01 -2.87
N LEU A 12 23.61 15.33 -3.93
CA LEU A 12 22.88 14.33 -4.68
C LEU A 12 23.67 13.67 -5.80
N GLY A 13 24.51 14.46 -6.46
CA GLY A 13 25.27 13.97 -7.58
C GLY A 13 24.42 14.36 -8.77
N GLU A 14 25.06 14.63 -9.90
CA GLU A 14 24.34 15.06 -11.08
C GLU A 14 23.17 14.17 -11.51
N GLU A 15 23.41 12.88 -11.63
CA GLU A 15 22.34 11.99 -12.06
C GLU A 15 21.09 12.09 -11.20
N ASN A 16 21.23 11.86 -9.90
CA ASN A 16 20.08 11.93 -9.02
C ASN A 16 19.37 13.29 -9.09
N PHE A 17 20.15 14.36 -9.15
CA PHE A 17 19.64 15.72 -9.21
C PHE A 17 18.82 15.91 -10.46
N LYS A 18 19.35 15.42 -11.57
CA LYS A 18 18.62 15.54 -12.82
C LYS A 18 17.28 14.78 -12.76
N ALA A 19 17.30 13.55 -12.24
CA ALA A 19 16.08 12.77 -12.17
C ALA A 19 15.03 13.36 -11.21
N LEU A 20 15.48 13.85 -10.05
CA LEU A 20 14.55 14.44 -9.09
C LEU A 20 14.00 15.73 -9.66
N VAL A 21 14.77 16.47 -10.46
CA VAL A 21 14.24 17.72 -10.98
C VAL A 21 13.12 17.41 -11.98
N LEU A 22 13.34 16.41 -12.83
CA LEU A 22 12.33 16.01 -13.78
C LEU A 22 11.06 15.61 -12.99
N ILE A 23 11.19 14.74 -12.00
CA ILE A 23 10.00 14.34 -11.27
C ILE A 23 9.30 15.56 -10.68
N ALA A 24 10.04 16.39 -9.97
CA ALA A 24 9.46 17.58 -9.36
C ALA A 24 8.62 18.33 -10.38
N PHE A 25 9.19 18.59 -11.55
CA PHE A 25 8.45 19.32 -12.57
C PHE A 25 7.35 18.52 -13.22
N ALA A 26 7.57 17.22 -13.41
CA ALA A 26 6.53 16.43 -14.02
C ALA A 26 5.26 16.44 -13.14
N GLN A 27 5.43 16.47 -11.82
CA GLN A 27 4.31 16.46 -10.86
C GLN A 27 3.46 17.73 -10.81
N TYR A 28 3.99 18.83 -11.33
CA TYR A 28 3.27 20.09 -11.32
C TYR A 28 2.75 20.47 -12.70
N LEU A 29 3.57 20.26 -13.71
CA LEU A 29 3.18 20.63 -15.07
C LEU A 29 2.95 19.37 -15.82
N GLN A 30 1.99 18.62 -15.32
CA GLN A 30 1.57 17.36 -15.87
C GLN A 30 1.13 17.38 -17.34
N GLN A 31 0.86 18.54 -17.93
CA GLN A 31 0.41 18.55 -19.32
C GLN A 31 1.51 18.94 -20.25
N CYS A 32 2.66 19.28 -19.71
CA CYS A 32 3.69 19.63 -20.64
C CYS A 32 4.21 18.33 -21.20
N PRO A 33 4.76 18.39 -22.41
CA PRO A 33 5.29 17.14 -22.96
C PRO A 33 6.68 16.88 -22.46
N PHE A 34 7.06 15.63 -22.55
CA PHE A 34 8.37 15.20 -22.15
C PHE A 34 9.53 16.11 -22.62
N GLU A 35 9.53 16.53 -23.89
CA GLU A 35 10.63 17.33 -24.40
C GLU A 35 10.73 18.73 -23.74
N ASP A 36 9.61 19.27 -23.29
CA ASP A 36 9.64 20.55 -22.60
C ASP A 36 10.38 20.37 -21.27
N HIS A 37 10.06 19.29 -20.54
CA HIS A 37 10.71 18.97 -19.27
C HIS A 37 12.20 18.66 -19.40
N VAL A 38 12.61 17.91 -20.42
CA VAL A 38 14.04 17.61 -20.58
C VAL A 38 14.71 18.97 -20.72
N LYS A 39 14.01 19.90 -21.35
CA LYS A 39 14.53 21.23 -21.57
C LYS A 39 14.79 21.94 -20.23
N LEU A 40 13.79 21.91 -19.33
CA LEU A 40 13.89 22.58 -18.02
C LEU A 40 15.03 21.98 -17.21
N VAL A 41 15.03 20.66 -17.09
CA VAL A 41 16.05 19.93 -16.36
C VAL A 41 17.44 20.42 -16.74
N ASN A 42 17.72 20.40 -18.04
CA ASN A 42 19.02 20.85 -18.54
C ASN A 42 19.25 22.32 -18.17
N GLU A 43 18.23 23.17 -18.23
CA GLU A 43 18.42 24.58 -17.84
C GLU A 43 18.64 24.72 -16.35
N VAL A 44 17.93 23.90 -15.58
CA VAL A 44 18.06 23.95 -14.12
C VAL A 44 19.41 23.33 -13.75
N THR A 45 19.81 22.32 -14.50
CA THR A 45 21.07 21.61 -14.28
C THR A 45 22.28 22.42 -14.69
N GLU A 46 22.12 23.30 -15.67
CA GLU A 46 23.27 24.09 -16.01
C GLU A 46 23.33 25.23 -15.03
N PHE A 47 22.17 25.69 -14.57
CA PHE A 47 22.15 26.80 -13.63
C PHE A 47 22.76 26.38 -12.30
N ALA A 48 22.48 25.16 -11.88
CA ALA A 48 23.01 24.64 -10.63
C ALA A 48 24.55 24.52 -10.64
N LYS A 49 25.14 24.15 -11.78
CA LYS A 49 26.60 24.02 -11.87
C LYS A 49 27.27 25.38 -11.84
N THR A 50 26.53 26.39 -12.28
CA THR A 50 26.98 27.76 -12.20
C THR A 50 27.23 27.98 -10.69
N CYS A 51 26.23 27.58 -9.88
CA CYS A 51 26.30 27.77 -8.44
C CYS A 51 27.32 26.89 -7.74
N VAL A 52 27.56 25.69 -8.28
CA VAL A 52 28.52 24.76 -7.70
C VAL A 52 29.89 25.36 -7.89
N ALA A 53 30.11 25.98 -9.05
CA ALA A 53 31.39 26.62 -9.33
C ALA A 53 31.68 27.79 -8.37
N ASP A 54 30.64 28.55 -8.01
CA ASP A 54 30.78 29.75 -7.17
C ASP A 54 29.45 30.04 -6.52
N GLU A 55 29.35 29.79 -5.21
CA GLU A 55 28.09 30.00 -4.53
C GLU A 55 27.66 31.48 -4.49
N SER A 56 28.44 32.36 -5.13
CA SER A 56 28.10 33.79 -5.19
C SER A 56 27.64 34.28 -6.55
N ALA A 57 27.40 33.38 -7.52
CA ALA A 57 26.89 33.82 -8.83
C ALA A 57 25.42 34.25 -8.65
N GLU A 58 24.96 35.17 -9.49
CA GLU A 58 23.61 35.72 -9.36
C GLU A 58 22.50 34.67 -9.24
N ASN A 59 21.57 34.94 -8.33
CA ASN A 59 20.42 34.09 -8.03
C ASN A 59 20.79 32.83 -7.28
N CYS A 60 22.08 32.53 -7.17
CA CYS A 60 22.48 31.32 -6.48
C CYS A 60 22.13 31.34 -5.02
N ASP A 61 21.87 32.53 -4.49
CA ASP A 61 21.51 32.58 -3.10
C ASP A 61 20.01 32.46 -2.85
N LYS A 62 19.18 32.36 -3.88
CA LYS A 62 17.75 32.28 -3.61
C LYS A 62 17.35 30.92 -3.02
N SER A 63 16.20 30.86 -2.36
CA SER A 63 15.71 29.60 -1.80
C SER A 63 15.23 28.69 -2.94
N LEU A 64 15.23 27.38 -2.70
CA LEU A 64 14.79 26.44 -3.73
C LEU A 64 13.35 26.75 -4.10
N HIS A 65 12.50 27.08 -3.13
CA HIS A 65 11.10 27.39 -3.42
C HIS A 65 10.98 28.56 -4.39
N THR A 66 11.66 29.65 -4.07
CA THR A 66 11.70 30.84 -4.91
C THR A 66 12.21 30.51 -6.32
N LEU A 67 13.29 29.73 -6.40
CA LEU A 67 13.81 29.39 -7.73
C LEU A 67 12.85 28.51 -8.51
N PHE A 68 12.26 27.52 -7.82
CA PHE A 68 11.35 26.57 -8.43
C PHE A 68 10.07 27.25 -8.86
N GLY A 69 9.58 28.18 -8.04
CA GLY A 69 8.41 28.94 -8.41
C GLY A 69 8.72 29.85 -9.61
N ASP A 70 9.87 30.53 -9.60
CA ASP A 70 10.18 31.42 -10.73
C ASP A 70 10.21 30.64 -12.04
N LYS A 71 10.88 29.50 -12.04
CA LYS A 71 10.95 28.72 -13.27
C LYS A 71 9.56 28.33 -13.69
N LEU A 72 8.75 27.96 -12.71
CA LEU A 72 7.40 27.51 -12.97
C LEU A 72 6.59 28.60 -13.67
N CYS A 73 6.74 29.84 -13.20
CA CYS A 73 6.03 30.98 -13.75
C CYS A 73 6.60 31.46 -15.09
N THR A 74 7.61 30.75 -15.56
CA THR A 74 8.28 31.07 -16.80
C THR A 74 7.56 30.40 -17.95
N VAL A 75 7.04 29.20 -17.70
CA VAL A 75 6.33 28.45 -18.73
C VAL A 75 5.32 29.38 -19.41
N ALA A 76 5.50 29.55 -20.71
CA ALA A 76 4.70 30.47 -21.48
C ALA A 76 3.22 30.20 -21.55
N THR A 77 2.88 28.93 -21.64
CA THR A 77 1.50 28.54 -21.77
C THR A 77 0.87 28.15 -20.47
N LEU A 78 1.47 28.59 -19.36
CA LEU A 78 0.99 28.20 -18.04
C LEU A 78 -0.49 28.49 -17.88
N ARG A 79 -0.92 29.66 -18.33
CA ARG A 79 -2.33 30.04 -18.24
C ARG A 79 -3.17 29.23 -19.23
N GLU A 80 -2.71 29.18 -20.48
CA GLU A 80 -3.43 28.46 -21.51
C GLU A 80 -3.78 27.04 -21.06
N THR A 81 -2.82 26.35 -20.48
CA THR A 81 -3.02 24.97 -20.07
C THR A 81 -3.56 24.72 -18.66
N TYR A 82 -3.14 25.55 -17.71
CA TYR A 82 -3.51 25.36 -16.32
C TYR A 82 -4.49 26.36 -15.68
N GLY A 83 -4.90 27.36 -16.44
CA GLY A 83 -5.84 28.36 -15.94
C GLY A 83 -5.49 28.92 -14.57
N GLU A 84 -6.28 28.55 -13.55
CA GLU A 84 -6.10 28.99 -12.16
C GLU A 84 -4.67 28.96 -11.69
N MET A 85 -3.98 27.89 -12.04
CA MET A 85 -2.62 27.72 -11.57
C MET A 85 -1.71 28.87 -11.92
N ALA A 86 -1.97 29.49 -13.06
CA ALA A 86 -1.15 30.60 -13.50
C ALA A 86 -1.40 31.83 -12.65
N ASP A 87 -2.57 31.92 -12.00
CA ASP A 87 -2.85 33.09 -11.15
C ASP A 87 -1.99 32.99 -9.92
N CYS A 88 -1.43 31.80 -9.65
CA CYS A 88 -0.54 31.63 -8.51
C CYS A 88 0.72 32.48 -8.72
N CYS A 89 1.08 32.70 -9.99
CA CYS A 89 2.27 33.47 -10.34
C CYS A 89 2.22 34.93 -9.95
N ALA A 90 1.03 35.44 -9.63
CA ALA A 90 0.89 36.82 -9.20
C ALA A 90 1.15 36.99 -7.70
N LYS A 91 1.37 35.91 -6.96
CA LYS A 91 1.60 36.00 -5.51
C LYS A 91 3.06 36.08 -5.06
N GLN A 92 3.27 36.40 -3.76
CA GLN A 92 4.61 36.48 -3.16
C GLN A 92 4.94 35.12 -2.58
N GLU A 93 6.24 34.86 -2.42
CA GLU A 93 6.67 33.49 -2.12
C GLU A 93 5.95 32.52 -1.21
N PRO A 94 5.90 32.76 0.11
CA PRO A 94 5.23 31.69 0.85
C PRO A 94 3.86 31.28 0.33
N GLU A 95 3.06 32.27 -0.09
CA GLU A 95 1.73 32.04 -0.61
C GLU A 95 1.74 31.35 -1.98
N ARG A 96 2.69 31.77 -2.83
CA ARG A 96 2.83 31.23 -4.17
C ARG A 96 3.04 29.71 -4.23
N ASN A 97 3.93 29.18 -3.40
CA ASN A 97 4.16 27.73 -3.38
C ASN A 97 2.94 27.03 -2.78
N GLU A 98 2.28 27.66 -1.79
CA GLU A 98 1.10 27.08 -1.17
C GLU A 98 0.03 27.08 -2.27
N CYS A 99 -0.03 28.16 -3.04
CA CYS A 99 -1.00 28.22 -4.12
C CYS A 99 -0.70 27.09 -5.13
N PHE A 100 0.56 26.89 -5.52
CA PHE A 100 0.86 25.81 -6.50
C PHE A 100 0.53 24.45 -5.96
N LEU A 101 0.82 24.26 -4.68
CA LEU A 101 0.55 23.01 -4.01
C LEU A 101 -0.93 22.58 -4.20
N GLN A 102 -1.88 23.49 -4.04
CA GLN A 102 -3.30 23.16 -4.18
C GLN A 102 -3.79 22.83 -5.59
N HIS A 103 -3.09 23.36 -6.59
CA HIS A 103 -3.52 23.19 -7.95
C HIS A 103 -2.99 21.96 -8.61
N LYS A 104 -2.28 21.20 -7.80
CA LYS A 104 -1.71 19.93 -8.18
C LYS A 104 -2.96 19.03 -8.28
N ASP A 105 -3.04 18.22 -9.33
CA ASP A 105 -4.19 17.34 -9.62
C ASP A 105 -3.93 15.85 -9.51
N ASP A 106 -4.48 15.21 -8.48
CA ASP A 106 -4.31 13.78 -8.27
C ASP A 106 -4.94 12.93 -9.38
N ASN A 107 -6.11 13.31 -9.87
CA ASN A 107 -6.74 12.52 -10.94
C ASN A 107 -6.73 13.23 -12.31
N PRO A 108 -5.57 13.22 -13.01
CA PRO A 108 -5.59 13.85 -14.33
C PRO A 108 -6.23 12.86 -15.29
N ASN A 109 -6.81 13.32 -16.39
CA ASN A 109 -7.51 12.43 -17.32
C ASN A 109 -6.61 11.81 -18.37
N LEU A 110 -5.43 11.39 -17.94
CA LEU A 110 -4.44 10.83 -18.84
C LEU A 110 -4.72 9.38 -19.18
N PRO A 111 -4.49 8.99 -20.44
CA PRO A 111 -4.71 7.62 -20.94
C PRO A 111 -3.87 6.63 -20.14
N ARG A 112 -4.38 5.43 -19.88
CA ARG A 112 -3.57 4.46 -19.12
C ARG A 112 -2.29 4.18 -19.89
N LEU A 113 -1.25 3.80 -19.15
CA LEU A 113 0.04 3.56 -19.77
C LEU A 113 0.11 2.15 -20.32
N VAL A 114 0.18 2.03 -21.65
CA VAL A 114 0.23 0.69 -22.24
C VAL A 114 1.63 0.08 -22.36
N ARG A 115 1.89 -0.94 -21.54
CA ARG A 115 3.15 -1.69 -21.58
C ARG A 115 3.36 -2.21 -23.01
N PRO A 116 4.44 -1.82 -23.69
CA PRO A 116 4.70 -2.29 -25.06
C PRO A 116 5.14 -3.75 -25.07
N GLU A 117 5.44 -4.30 -26.25
CA GLU A 117 5.92 -5.68 -26.34
C GLU A 117 7.38 -5.76 -25.81
N VAL A 118 7.63 -6.72 -24.93
CA VAL A 118 8.96 -6.93 -24.33
C VAL A 118 10.09 -6.59 -25.28
N ASP A 119 9.91 -7.00 -26.52
CA ASP A 119 10.89 -6.82 -27.58
C ASP A 119 11.10 -5.36 -27.97
N VAL A 120 10.00 -4.60 -27.99
CA VAL A 120 10.11 -3.20 -28.37
C VAL A 120 10.78 -2.46 -27.23
N MET A 121 10.48 -2.84 -26.00
CA MET A 121 11.12 -2.22 -24.85
C MET A 121 12.64 -2.46 -24.95
N CYS A 122 13.07 -3.72 -24.91
CA CYS A 122 14.49 -4.03 -24.96
C CYS A 122 15.25 -3.28 -26.05
N THR A 123 14.64 -3.17 -27.22
CA THR A 123 15.20 -2.43 -28.35
C THR A 123 15.24 -0.93 -28.02
N ALA A 124 14.17 -0.40 -27.43
CA ALA A 124 14.14 1.02 -27.06
C ALA A 124 15.20 1.21 -25.96
N PHE A 125 15.18 0.34 -24.96
CA PHE A 125 16.18 0.36 -23.90
C PHE A 125 17.61 0.42 -24.50
N HIS A 126 17.99 -0.54 -25.34
CA HIS A 126 19.35 -0.57 -25.94
C HIS A 126 19.69 0.66 -26.78
N ASP A 127 18.76 1.12 -27.62
CA ASP A 127 19.04 2.25 -28.49
C ASP A 127 19.07 3.64 -27.86
N ASN A 128 18.39 3.80 -26.72
CA ASN A 128 18.25 5.12 -26.11
C ASN A 128 17.88 4.97 -24.63
N GLU A 129 18.81 4.45 -23.86
CA GLU A 129 18.56 4.17 -22.45
C GLU A 129 18.03 5.36 -21.67
N GLU A 130 18.77 6.45 -21.75
CA GLU A 130 18.39 7.67 -21.07
C GLU A 130 16.96 8.02 -21.46
N THR A 131 16.68 8.25 -22.74
CA THR A 131 15.32 8.68 -23.03
C THR A 131 14.26 7.68 -22.70
N PHE A 132 14.56 6.41 -22.90
CA PHE A 132 13.59 5.38 -22.59
C PHE A 132 13.18 5.44 -21.11
N LEU A 133 14.15 5.43 -20.22
CA LEU A 133 13.86 5.44 -18.79
C LEU A 133 13.39 6.79 -18.24
N LYS A 134 13.84 7.88 -18.85
CA LYS A 134 13.47 9.19 -18.39
C LYS A 134 12.05 9.45 -18.84
N LYS A 135 11.72 9.03 -20.06
CA LYS A 135 10.37 9.22 -20.52
C LYS A 135 9.48 8.47 -19.54
N TYR A 136 9.81 7.26 -19.19
CA TYR A 136 8.87 6.63 -18.35
C TYR A 136 8.86 7.17 -16.92
N LEU A 137 9.98 7.71 -16.44
CA LEU A 137 10.00 8.34 -15.15
C LEU A 137 9.01 9.52 -15.21
N TYR A 138 9.03 10.25 -16.31
CA TYR A 138 8.10 11.36 -16.51
C TYR A 138 6.62 10.86 -16.50
N GLU A 139 6.29 9.88 -17.33
CA GLU A 139 4.91 9.35 -17.40
C GLU A 139 4.39 8.92 -16.02
N ILE A 140 5.26 8.35 -15.18
CA ILE A 140 4.82 7.93 -13.83
C ILE A 140 4.63 9.11 -12.86
N ALA A 141 5.52 10.09 -12.91
CA ALA A 141 5.42 11.22 -11.98
C ALA A 141 4.25 12.15 -12.33
N ARG A 142 4.00 12.37 -13.62
CA ARG A 142 2.85 13.21 -13.98
C ARG A 142 1.55 12.54 -13.55
N ARG A 143 1.50 11.21 -13.57
CA ARG A 143 0.28 10.47 -13.18
C ARG A 143 0.12 10.29 -11.68
N HIS A 144 1.19 10.53 -10.93
CA HIS A 144 1.24 10.41 -9.46
C HIS A 144 1.94 11.66 -8.85
N PRO A 145 1.28 12.82 -8.88
CA PRO A 145 1.88 14.04 -8.34
C PRO A 145 2.28 14.00 -6.86
N TYR A 146 1.79 13.02 -6.11
CA TYR A 146 2.11 12.95 -4.68
C TYR A 146 3.01 11.81 -4.27
N PHE A 147 3.44 11.00 -5.24
CA PHE A 147 4.34 9.93 -4.89
C PHE A 147 5.71 10.56 -4.56
N TYR A 148 6.12 10.44 -3.30
CA TYR A 148 7.38 11.00 -2.83
C TYR A 148 8.53 10.78 -3.84
N ALA A 149 9.06 11.88 -4.37
CA ALA A 149 10.11 11.83 -5.40
C ALA A 149 11.28 10.85 -5.27
N PRO A 150 11.96 10.82 -4.12
CA PRO A 150 13.09 9.90 -4.03
C PRO A 150 12.76 8.41 -4.06
N GLU A 151 11.58 8.03 -3.56
CA GLU A 151 11.16 6.64 -3.56
C GLU A 151 10.84 6.26 -5.00
N LEU A 152 10.26 7.22 -5.73
CA LEU A 152 9.90 7.02 -7.14
C LEU A 152 11.16 6.73 -7.93
N LEU A 153 12.22 7.40 -7.52
CA LEU A 153 13.53 7.26 -8.11
C LEU A 153 14.13 5.90 -7.72
N PHE A 154 13.88 5.45 -6.48
CA PHE A 154 14.40 4.16 -6.03
C PHE A 154 13.70 3.06 -6.82
N PHE A 155 12.45 3.29 -7.23
CA PHE A 155 11.77 2.32 -8.09
C PHE A 155 12.38 2.35 -9.50
N ALA A 156 12.67 3.55 -10.00
CA ALA A 156 13.22 3.72 -11.35
C ALA A 156 14.49 2.94 -11.56
N LYS A 157 15.33 2.90 -10.53
CA LYS A 157 16.60 2.20 -10.61
C LYS A 157 16.44 0.71 -10.59
N ARG A 158 15.30 0.24 -10.09
CA ARG A 158 15.04 -1.18 -10.07
C ARG A 158 14.49 -1.59 -11.43
N TYR A 159 13.76 -0.67 -12.08
CA TYR A 159 13.26 -0.94 -13.41
C TYR A 159 14.48 -0.98 -14.32
N LYS A 160 15.50 -0.16 -14.03
CA LYS A 160 16.72 -0.18 -14.84
C LYS A 160 17.47 -1.53 -14.71
N ALA A 161 17.60 -2.07 -13.50
CA ALA A 161 18.27 -3.36 -13.34
C ALA A 161 17.47 -4.45 -14.08
N ALA A 162 16.15 -4.34 -14.00
CA ALA A 162 15.29 -5.30 -14.65
C ALA A 162 15.54 -5.34 -16.14
N PHE A 163 15.67 -4.19 -16.75
CA PHE A 163 15.89 -4.16 -18.18
C PHE A 163 17.29 -4.61 -18.55
N THR A 164 18.29 -4.19 -17.78
CA THR A 164 19.66 -4.52 -18.12
C THR A 164 20.00 -6.00 -18.02
N GLU A 165 19.20 -6.74 -17.27
CA GLU A 165 19.45 -8.17 -17.09
C GLU A 165 18.68 -9.00 -18.08
N CYS A 166 17.38 -8.78 -18.06
CA CYS A 166 16.46 -9.49 -18.90
C CYS A 166 16.63 -9.23 -20.38
N CYS A 167 17.08 -8.04 -20.76
CA CYS A 167 17.20 -7.73 -22.16
C CYS A 167 18.38 -8.35 -22.91
N GLN A 168 19.00 -9.36 -22.29
CA GLN A 168 20.07 -10.11 -22.93
C GLN A 168 19.94 -11.60 -22.55
N ALA A 169 18.82 -11.96 -21.93
CA ALA A 169 18.59 -13.34 -21.52
C ALA A 169 18.06 -14.25 -22.64
N ALA A 170 17.95 -13.72 -23.85
CA ALA A 170 17.45 -14.42 -25.05
C ALA A 170 15.98 -14.87 -24.89
N ASP A 171 15.61 -15.43 -23.73
CA ASP A 171 14.21 -15.71 -23.42
C ASP A 171 13.74 -14.55 -22.50
N LYS A 172 13.84 -13.34 -23.04
CA LYS A 172 13.49 -12.06 -22.40
C LYS A 172 12.23 -11.97 -21.51
N ALA A 173 11.06 -12.17 -22.12
CA ALA A 173 9.78 -12.10 -21.40
C ALA A 173 9.70 -12.96 -20.15
N ALA A 174 10.24 -14.17 -20.20
CA ALA A 174 10.22 -15.06 -19.02
C ALA A 174 10.92 -14.41 -17.84
N CYS A 175 11.89 -13.59 -18.18
CA CYS A 175 12.68 -12.88 -17.20
C CYS A 175 12.06 -11.57 -16.80
N LEU A 176 11.82 -10.74 -17.80
CA LEU A 176 11.35 -9.38 -17.57
C LEU A 176 9.94 -9.20 -17.09
N LEU A 177 9.01 -9.88 -17.74
CA LEU A 177 7.61 -9.73 -17.36
C LEU A 177 7.28 -9.96 -15.90
N PRO A 178 7.81 -11.04 -15.30
CA PRO A 178 7.50 -11.30 -13.88
C PRO A 178 8.07 -10.23 -12.98
N LYS A 179 9.21 -9.68 -13.40
CA LYS A 179 9.87 -8.64 -12.66
C LYS A 179 9.03 -7.36 -12.71
N LEU A 180 8.46 -7.07 -13.87
CA LEU A 180 7.63 -5.87 -14.06
C LEU A 180 6.34 -5.96 -13.25
N ASP A 181 5.72 -7.13 -13.25
CA ASP A 181 4.50 -7.34 -12.49
C ASP A 181 4.79 -7.27 -10.99
N GLU A 182 5.94 -7.80 -10.56
CA GLU A 182 6.32 -7.72 -9.15
C GLU A 182 6.47 -6.22 -8.80
N LEU A 183 7.01 -5.41 -9.72
CA LEU A 183 7.25 -3.97 -9.49
C LEU A 183 5.94 -3.14 -9.44
N ARG A 184 5.02 -3.40 -10.36
CA ARG A 184 3.72 -2.70 -10.37
C ARG A 184 3.02 -2.95 -9.02
N ASP A 185 2.98 -4.21 -8.57
CA ASP A 185 2.35 -4.50 -7.28
C ASP A 185 3.00 -3.67 -6.17
N GLU A 186 4.33 -3.69 -6.04
CA GLU A 186 4.96 -2.89 -4.99
C GLU A 186 4.58 -1.43 -5.19
N GLY A 187 4.77 -0.94 -6.40
CA GLY A 187 4.44 0.42 -6.66
C GLY A 187 3.05 0.77 -6.15
N LYS A 188 2.10 -0.13 -6.38
CA LYS A 188 0.71 0.10 -5.97
C LYS A 188 0.47 0.00 -4.46
N ALA A 189 1.19 -0.89 -3.81
CA ALA A 189 1.02 -1.06 -2.37
C ALA A 189 1.63 0.12 -1.63
N SER A 190 2.73 0.65 -2.18
CA SER A 190 3.44 1.77 -1.57
C SER A 190 2.63 3.05 -1.70
N SER A 191 2.06 3.24 -2.87
CA SER A 191 1.25 4.41 -3.13
C SER A 191 0.01 4.35 -2.24
N ALA A 192 -0.68 3.22 -2.26
CA ALA A 192 -1.88 3.08 -1.46
C ALA A 192 -1.57 3.23 0.05
N LYS A 193 -0.42 2.73 0.53
CA LYS A 193 -0.08 2.93 1.94
C LYS A 193 0.07 4.42 2.25
N GLN A 194 0.79 5.17 1.41
CA GLN A 194 0.99 6.62 1.63
C GLN A 194 -0.35 7.37 1.83
N ARG A 195 -1.31 7.13 0.94
CA ARG A 195 -2.64 7.76 1.01
C ARG A 195 -3.32 7.29 2.30
N LEU A 196 -3.27 5.98 2.54
CA LEU A 196 -3.86 5.38 3.75
C LEU A 196 -3.38 6.18 4.94
N LYS A 197 -2.05 6.27 5.13
CA LYS A 197 -1.48 7.02 6.24
C LYS A 197 -2.01 8.45 6.34
N CYS A 198 -1.90 9.22 5.25
CA CYS A 198 -2.38 10.61 5.25
C CYS A 198 -3.87 10.74 5.53
N ALA A 199 -4.69 9.86 4.97
CA ALA A 199 -6.13 9.93 5.22
C ALA A 199 -6.46 9.52 6.68
N SER A 200 -5.79 8.50 7.21
CA SER A 200 -5.99 8.05 8.59
C SER A 200 -5.66 9.18 9.55
N LEU A 201 -4.54 9.85 9.27
CA LEU A 201 -4.05 10.95 10.10
C LEU A 201 -5.07 12.07 10.25
N GLN A 202 -5.97 12.22 9.28
CA GLN A 202 -6.96 13.30 9.34
C GLN A 202 -8.37 12.81 9.68
N LYS A 203 -8.67 11.59 9.25
CA LYS A 203 -9.93 10.90 9.52
C LYS A 203 -10.01 10.54 11.02
N PHE A 204 -8.85 10.23 11.59
CA PHE A 204 -8.74 9.75 12.97
C PHE A 204 -7.86 10.55 13.94
N GLY A 205 -7.30 11.67 13.49
CA GLY A 205 -6.49 12.49 14.37
C GLY A 205 -5.13 11.99 14.83
N GLU A 206 -4.30 12.95 15.23
CA GLU A 206 -2.92 12.72 15.68
C GLU A 206 -2.67 11.62 16.75
N ARG A 207 -3.49 11.54 17.78
CA ARG A 207 -3.29 10.49 18.83
C ARG A 207 -3.30 9.05 18.28
N ALA A 208 -4.34 8.70 17.54
CA ALA A 208 -4.48 7.37 16.91
C ALA A 208 -3.30 7.02 16.00
N PHE A 209 -2.63 8.03 15.48
CA PHE A 209 -1.50 7.80 14.60
C PHE A 209 -0.24 7.59 15.45
N LYS A 210 -0.17 8.32 16.55
CA LYS A 210 0.95 8.21 17.47
C LYS A 210 0.91 6.84 18.19
N ALA A 211 -0.29 6.28 18.39
CA ALA A 211 -0.44 4.97 19.04
C ALA A 211 -0.02 3.91 18.03
N TRP A 212 -0.33 4.18 16.78
CA TRP A 212 0.07 3.24 15.78
C TRP A 212 1.60 3.26 15.74
N ALA A 213 2.22 4.44 15.80
CA ALA A 213 3.67 4.52 15.69
C ALA A 213 4.44 3.94 16.85
N VAL A 214 3.90 4.13 18.04
CA VAL A 214 4.53 3.60 19.24
C VAL A 214 4.63 2.08 19.08
N ALA A 215 3.54 1.46 18.65
CA ALA A 215 3.50 0.02 18.48
C ALA A 215 4.57 -0.37 17.47
N ARG A 216 4.48 0.19 16.27
CA ARG A 216 5.41 -0.09 15.19
C ARG A 216 6.86 0.17 15.54
N LEU A 217 7.13 1.29 16.19
CA LEU A 217 8.53 1.59 16.52
C LEU A 217 9.11 0.66 17.59
N SER A 218 8.26 0.15 18.48
CA SER A 218 8.71 -0.73 19.55
C SER A 218 9.01 -2.15 19.11
N GLN A 219 8.29 -2.65 18.12
CA GLN A 219 8.55 -4.01 17.65
C GLN A 219 9.87 -3.92 16.92
N ARG A 220 10.01 -2.81 16.22
CA ARG A 220 11.17 -2.50 15.42
C ARG A 220 12.44 -2.16 16.25
N PHE A 221 12.33 -1.41 17.34
CA PHE A 221 13.49 -1.06 18.16
C PHE A 221 13.22 -1.50 19.61
N PRO A 222 13.08 -2.81 19.84
CA PRO A 222 12.75 -3.31 21.17
C PRO A 222 13.75 -3.08 22.32
N LYS A 223 15.01 -2.75 22.01
CA LYS A 223 15.98 -2.46 23.04
C LYS A 223 16.00 -0.96 23.36
N ALA A 224 15.33 -0.16 22.55
CA ALA A 224 15.27 1.27 22.85
C ALA A 224 14.42 1.49 24.11
N GLU A 225 14.77 2.52 24.87
CA GLU A 225 14.04 2.92 26.06
C GLU A 225 12.73 3.55 25.58
N PHE A 226 11.68 3.48 26.39
CA PHE A 226 10.41 4.10 26.03
C PHE A 226 10.53 5.62 25.73
N ALA A 227 11.53 6.29 26.29
CA ALA A 227 11.66 7.75 26.09
C ALA A 227 12.24 8.06 24.75
N GLU A 228 12.97 7.10 24.21
CA GLU A 228 13.61 7.23 22.92
C GLU A 228 12.57 6.89 21.87
N VAL A 229 11.75 5.90 22.15
CA VAL A 229 10.70 5.54 21.21
C VAL A 229 9.72 6.70 21.13
N SER A 230 9.43 7.34 22.25
CA SER A 230 8.49 8.47 22.25
C SER A 230 9.06 9.67 21.49
N LYS A 231 10.35 9.92 21.64
CA LYS A 231 10.98 11.00 20.91
C LYS A 231 10.89 10.68 19.42
N LEU A 232 11.05 9.42 19.05
CA LEU A 232 10.97 9.03 17.64
C LEU A 232 9.53 9.05 17.12
N VAL A 233 8.57 8.93 18.01
CA VAL A 233 7.16 8.92 17.63
C VAL A 233 6.80 10.35 17.29
N THR A 234 7.21 11.27 18.17
CA THR A 234 6.97 12.70 18.02
C THR A 234 7.51 13.17 16.67
N ASP A 235 8.76 12.83 16.36
CA ASP A 235 9.36 13.22 15.08
C ASP A 235 8.72 12.52 13.90
N LEU A 236 8.44 11.22 14.01
CA LEU A 236 7.82 10.50 12.91
C LEU A 236 6.46 11.10 12.52
N THR A 237 5.80 11.73 13.49
CA THR A 237 4.50 12.33 13.30
C THR A 237 4.58 13.69 12.62
N LYS A 238 5.63 14.47 12.89
CA LYS A 238 5.75 15.73 12.17
C LYS A 238 6.11 15.32 10.73
N VAL A 239 7.06 14.40 10.56
CA VAL A 239 7.45 13.97 9.20
C VAL A 239 6.19 13.67 8.42
N HIS A 240 5.41 12.65 8.82
CA HIS A 240 4.18 12.31 8.09
C HIS A 240 3.20 13.49 7.97
N THR A 241 3.02 14.32 9.01
CA THR A 241 2.13 15.49 8.90
C THR A 241 2.59 16.42 7.76
N GLU A 242 3.90 16.68 7.71
CA GLU A 242 4.50 17.56 6.70
C GLU A 242 4.55 16.87 5.33
N CYS A 243 4.80 15.56 5.26
CA CYS A 243 4.82 14.88 3.95
C CYS A 243 3.41 14.71 3.38
N CYS A 244 2.40 14.59 4.23
CA CYS A 244 1.02 14.48 3.76
C CYS A 244 0.62 15.82 3.19
N HIS A 245 0.90 16.90 3.92
CA HIS A 245 0.61 18.24 3.43
C HIS A 245 1.10 18.42 1.99
N GLY A 246 2.14 17.67 1.60
CA GLY A 246 2.59 17.68 0.23
C GLY A 246 3.84 18.37 -0.26
N ASP A 247 4.39 19.30 0.51
CA ASP A 247 5.59 20.01 0.05
C ASP A 247 6.84 19.12 0.06
N LEU A 248 7.28 18.73 -1.14
CA LEU A 248 8.45 17.87 -1.31
C LEU A 248 9.73 18.29 -0.56
N LEU A 249 10.13 19.57 -0.54
CA LEU A 249 11.37 19.94 0.16
C LEU A 249 11.25 19.86 1.67
N GLU A 250 10.23 20.49 2.25
CA GLU A 250 10.05 20.41 3.69
C GLU A 250 9.94 18.91 4.06
N CYS A 251 9.17 18.14 3.29
CA CYS A 251 9.03 16.69 3.56
C CYS A 251 10.39 15.96 3.48
N ALA A 252 11.27 16.39 2.58
CA ALA A 252 12.57 15.78 2.42
C ALA A 252 13.56 16.19 3.53
N ASP A 253 13.48 17.43 3.99
CA ASP A 253 14.33 17.89 5.09
C ASP A 253 13.92 17.20 6.41
N ASP A 254 12.62 17.09 6.64
CA ASP A 254 12.15 16.46 7.86
C ASP A 254 12.64 15.02 7.85
N ARG A 255 12.45 14.29 6.76
CA ARG A 255 12.95 12.92 6.72
C ARG A 255 14.48 12.82 6.88
N ALA A 256 15.26 13.72 6.28
CA ALA A 256 16.71 13.65 6.44
C ALA A 256 17.07 13.92 7.89
N ASP A 257 16.52 14.97 8.48
CA ASP A 257 16.86 15.27 9.86
C ASP A 257 16.62 14.04 10.73
N LEU A 258 15.45 13.41 10.59
CA LEU A 258 15.14 12.25 11.41
C LEU A 258 16.19 11.17 11.26
N ALA A 259 16.50 10.87 10.01
CA ALA A 259 17.48 9.86 9.66
C ALA A 259 18.86 10.16 10.24
N LYS A 260 19.26 11.43 10.22
CA LYS A 260 20.57 11.78 10.74
C LYS A 260 20.49 11.73 12.27
N TYR A 261 19.33 12.06 12.84
CA TYR A 261 19.21 11.92 14.29
C TYR A 261 19.27 10.41 14.64
N ILE A 262 18.72 9.55 13.79
CA ILE A 262 18.70 8.11 14.08
C ILE A 262 20.08 7.46 13.98
N CYS A 263 20.89 7.97 13.07
CA CYS A 263 22.23 7.43 12.84
C CYS A 263 23.26 7.94 13.85
N GLU A 264 23.01 9.13 14.39
CA GLU A 264 23.88 9.72 15.38
C GLU A 264 23.64 9.05 16.74
N ASN A 265 22.61 8.20 16.83
CA ASN A 265 22.27 7.56 18.10
C ASN A 265 21.94 6.08 17.99
N GLN A 266 22.57 5.40 17.04
CA GLN A 266 22.32 3.98 16.81
C GLN A 266 22.33 3.10 18.07
N ASP A 267 23.28 3.39 18.97
CA ASP A 267 23.48 2.63 20.23
C ASP A 267 22.30 2.71 21.13
N SER A 268 21.67 3.86 21.07
CA SER A 268 20.51 4.13 21.87
C SER A 268 19.21 3.64 21.18
N ILE A 269 19.35 3.22 19.93
CA ILE A 269 18.19 2.80 19.16
C ILE A 269 18.13 1.37 18.61
N SER A 270 19.16 0.93 17.89
CA SER A 270 19.12 -0.42 17.30
C SER A 270 20.50 -0.81 16.78
N SER A 271 20.82 -2.09 16.87
CA SER A 271 22.10 -2.59 16.40
C SER A 271 22.04 -3.01 14.93
N LYS A 272 20.90 -2.79 14.29
CA LYS A 272 20.69 -3.18 12.89
C LYS A 272 20.93 -2.11 11.83
N LEU A 273 21.22 -0.91 12.29
CA LEU A 273 21.37 0.28 11.48
C LEU A 273 22.67 0.68 10.81
N LYS A 274 23.77 0.14 11.30
CA LYS A 274 25.05 0.52 10.76
C LYS A 274 25.14 0.51 9.21
N GLU A 275 24.37 -0.36 8.57
CA GLU A 275 24.38 -0.46 7.11
C GLU A 275 23.59 0.66 6.44
N CYS A 276 22.40 0.93 6.95
CA CYS A 276 21.56 1.99 6.41
C CYS A 276 22.18 3.34 6.68
N CYS A 277 22.93 3.41 7.79
CA CYS A 277 23.51 4.65 8.24
C CYS A 277 24.77 5.14 7.56
N GLU A 278 25.38 4.27 6.77
CA GLU A 278 26.58 4.66 6.03
C GLU A 278 26.25 5.01 4.56
N LYS A 279 25.01 4.73 4.13
CA LYS A 279 24.53 5.02 2.77
C LYS A 279 24.37 6.53 2.50
N PRO A 280 24.27 6.91 1.21
CA PRO A 280 24.12 8.31 0.80
C PRO A 280 22.84 8.90 1.35
N LEU A 281 22.88 10.19 1.64
CA LEU A 281 21.73 10.92 2.18
C LEU A 281 20.41 10.62 1.46
N LEU A 282 20.48 10.45 0.15
CA LEU A 282 19.33 10.14 -0.67
C LEU A 282 18.59 8.85 -0.27
N GLU A 283 19.34 7.84 0.15
CA GLU A 283 18.80 6.52 0.47
C GLU A 283 18.58 6.22 1.94
N LYS A 284 19.12 7.09 2.79
CA LYS A 284 19.10 6.83 4.21
C LYS A 284 17.83 6.55 4.91
N SER A 285 16.90 7.48 4.87
CA SER A 285 15.72 7.24 5.65
C SER A 285 14.90 6.08 5.10
N HIS A 286 14.90 5.97 3.78
CA HIS A 286 14.18 4.90 3.09
C HIS A 286 14.71 3.57 3.60
N CYS A 287 16.03 3.44 3.64
CA CYS A 287 16.68 2.21 4.12
C CYS A 287 16.25 1.97 5.57
N ILE A 288 16.37 2.98 6.42
CA ILE A 288 15.97 2.81 7.80
C ILE A 288 14.52 2.32 7.89
N ALA A 289 13.65 2.92 7.08
CA ALA A 289 12.23 2.56 7.10
C ALA A 289 12.02 1.09 6.79
N GLU A 290 12.96 0.51 6.06
CA GLU A 290 12.84 -0.87 5.64
C GLU A 290 13.54 -1.87 6.57
N VAL A 291 14.26 -1.37 7.57
CA VAL A 291 15.06 -2.26 8.40
C VAL A 291 14.38 -3.37 9.18
N GLU A 292 15.10 -4.48 9.30
CA GLU A 292 14.66 -5.66 10.04
C GLU A 292 14.62 -5.31 11.53
N ASN A 293 13.66 -5.89 12.25
CA ASN A 293 13.55 -5.67 13.69
C ASN A 293 14.86 -6.01 14.41
N ASP A 294 15.18 -5.28 15.46
CA ASP A 294 16.37 -5.61 16.25
C ASP A 294 15.97 -6.77 17.20
N GLU A 295 16.91 -7.70 17.44
CA GLU A 295 16.69 -8.82 18.36
C GLU A 295 16.21 -8.21 19.68
N MET A 296 15.22 -8.83 20.31
CA MET A 296 14.75 -8.26 21.56
C MET A 296 15.70 -8.65 22.70
N PRO A 297 15.66 -7.92 23.84
CA PRO A 297 16.55 -8.13 25.01
C PRO A 297 16.68 -9.51 25.70
N ALA A 298 16.13 -10.55 25.08
CA ALA A 298 16.14 -11.89 25.65
C ALA A 298 15.21 -11.92 26.87
N ASP A 299 15.77 -11.94 28.07
CA ASP A 299 14.94 -12.02 29.25
C ASP A 299 14.24 -10.72 29.62
N LEU A 300 12.93 -10.74 29.42
CA LEU A 300 12.04 -9.63 29.70
C LEU A 300 10.86 -10.20 30.47
N PRO A 301 10.49 -9.53 31.57
CA PRO A 301 9.40 -9.91 32.47
C PRO A 301 8.00 -9.87 31.91
N SER A 302 7.06 -10.31 32.73
CA SER A 302 5.65 -10.22 32.36
C SER A 302 5.37 -8.71 32.48
N LEU A 303 4.35 -8.21 31.79
CA LEU A 303 3.96 -6.81 31.92
C LEU A 303 3.19 -6.71 33.24
N ALA A 304 2.83 -7.85 33.82
CA ALA A 304 2.06 -7.92 35.06
C ALA A 304 2.63 -7.08 36.22
N ALA A 305 3.95 -7.13 36.39
CA ALA A 305 4.61 -6.39 37.46
C ALA A 305 4.45 -4.85 37.43
N ASP A 306 4.10 -4.28 36.27
CA ASP A 306 3.88 -2.82 36.19
C ASP A 306 2.42 -2.49 35.80
N PHE A 307 1.71 -3.39 35.15
CA PHE A 307 0.36 -3.01 34.74
C PHE A 307 -0.90 -3.58 35.44
N VAL A 308 -0.73 -4.55 36.36
CA VAL A 308 -1.86 -5.15 37.09
C VAL A 308 -1.62 -5.29 38.62
N GLU A 309 -0.46 -5.82 39.03
CA GLU A 309 -0.10 -5.98 40.45
C GLU A 309 0.18 -4.61 41.14
N SER A 310 1.40 -4.09 41.01
CA SER A 310 1.84 -2.79 41.55
C SER A 310 0.74 -1.76 41.86
N LYS A 311 0.74 -1.25 43.10
CA LYS A 311 -0.18 -0.21 43.56
C LYS A 311 0.23 1.01 42.71
N ASP A 312 -0.66 1.98 42.58
CA ASP A 312 -0.41 3.19 41.77
C ASP A 312 -0.68 2.99 40.26
N VAL A 313 -1.33 1.89 39.88
CA VAL A 313 -1.66 1.65 38.47
C VAL A 313 -2.61 2.79 38.08
N CYS A 314 -3.68 2.98 38.85
CA CYS A 314 -4.62 4.06 38.60
C CYS A 314 -4.00 5.41 38.84
N LYS A 315 -2.96 5.43 39.66
CA LYS A 315 -2.35 6.70 39.97
C LYS A 315 -1.43 7.11 38.83
N ASN A 316 -0.50 6.26 38.43
CA ASN A 316 0.38 6.56 37.31
C ASN A 316 -0.47 6.79 36.04
N TYR A 317 -1.61 6.12 35.96
CA TYR A 317 -2.49 6.24 34.80
C TYR A 317 -3.22 7.59 34.73
N ALA A 318 -3.85 8.01 35.84
CA ALA A 318 -4.60 9.26 35.94
C ALA A 318 -3.68 10.42 35.53
N GLU A 319 -2.54 10.49 36.23
CA GLU A 319 -1.41 11.41 36.06
C GLU A 319 -1.08 11.76 34.57
N ALA A 320 -1.01 10.77 33.66
CA ALA A 320 -0.79 11.00 32.20
C ALA A 320 -1.32 9.77 31.45
N LYS A 321 -2.62 9.80 31.18
CA LYS A 321 -3.28 8.66 30.57
C LYS A 321 -2.62 8.10 29.36
N ASP A 322 -2.30 8.97 28.42
CA ASP A 322 -1.73 8.54 27.19
C ASP A 322 -0.29 8.06 27.34
N VAL A 323 0.50 8.76 28.13
CA VAL A 323 1.86 8.31 28.36
C VAL A 323 1.83 6.88 28.97
N PHE A 324 0.95 6.64 29.94
CA PHE A 324 0.92 5.35 30.57
C PHE A 324 0.45 4.28 29.61
N LEU A 325 -0.63 4.58 28.88
CA LEU A 325 -1.10 3.68 27.85
C LEU A 325 0.01 3.49 26.79
N GLY A 326 0.77 4.54 26.50
CA GLY A 326 1.85 4.42 25.54
C GLY A 326 2.90 3.42 26.02
N MET A 327 3.19 3.41 27.33
CA MET A 327 4.21 2.52 27.91
C MET A 327 3.79 1.06 27.82
N PHE A 328 2.51 0.84 28.06
CA PHE A 328 1.95 -0.48 27.96
C PHE A 328 2.04 -0.95 26.50
N LEU A 329 1.66 -0.11 25.53
CA LEU A 329 1.75 -0.46 24.10
C LEU A 329 3.23 -0.76 23.82
N TYR A 330 4.10 0.06 24.37
CA TYR A 330 5.52 -0.13 24.11
C TYR A 330 6.04 -1.47 24.56
N GLU A 331 5.74 -1.80 25.81
CA GLU A 331 6.17 -3.03 26.45
C GLU A 331 5.51 -4.21 25.77
N TYR A 332 4.22 -4.09 25.48
CA TYR A 332 3.55 -5.17 24.80
C TYR A 332 4.11 -5.35 23.38
N ALA A 333 4.15 -4.25 22.61
CA ALA A 333 4.60 -4.32 21.22
C ALA A 333 5.96 -4.89 21.07
N ARG A 334 6.93 -4.39 21.82
CA ARG A 334 8.29 -4.88 21.74
C ARG A 334 8.50 -6.34 22.14
N ARG A 335 7.53 -6.92 22.85
CA ARG A 335 7.61 -8.31 23.24
C ARG A 335 7.00 -9.12 22.10
N HIS A 336 6.18 -8.45 21.28
CA HIS A 336 5.49 -9.14 20.20
C HIS A 336 5.61 -8.58 18.80
N PRO A 337 6.72 -8.85 18.13
CA PRO A 337 6.74 -8.31 16.77
C PRO A 337 5.99 -9.32 15.92
N ASP A 338 5.55 -10.41 16.54
CA ASP A 338 4.76 -11.41 15.79
C ASP A 338 3.31 -10.91 15.65
N TYR A 339 2.98 -9.87 16.37
CA TYR A 339 1.63 -9.32 16.28
C TYR A 339 1.52 -8.24 15.20
N SER A 340 0.32 -8.10 14.64
CA SER A 340 0.09 -7.02 13.69
C SER A 340 0.02 -5.74 14.58
N VAL A 341 0.17 -4.56 13.99
CA VAL A 341 0.07 -3.33 14.79
C VAL A 341 -1.36 -3.12 15.34
N VAL A 342 -2.37 -3.30 14.50
CA VAL A 342 -3.75 -3.10 14.95
C VAL A 342 -4.17 -4.04 16.08
N LEU A 343 -3.52 -5.20 16.21
CA LEU A 343 -3.89 -6.15 17.25
C LEU A 343 -3.42 -5.53 18.54
N LEU A 344 -2.18 -5.06 18.47
CA LEU A 344 -1.58 -4.41 19.61
C LEU A 344 -2.48 -3.30 20.12
N LEU A 345 -3.05 -2.52 19.20
CA LEU A 345 -3.93 -1.43 19.61
C LEU A 345 -5.26 -1.95 20.14
N ARG A 346 -5.67 -3.16 19.74
CA ARG A 346 -6.94 -3.71 20.23
C ARG A 346 -6.77 -4.00 21.70
N LEU A 347 -5.58 -4.51 22.02
CA LEU A 347 -5.22 -4.81 23.39
C LEU A 347 -5.08 -3.49 24.18
N ALA A 348 -4.48 -2.45 23.56
CA ALA A 348 -4.34 -1.19 24.28
C ALA A 348 -5.71 -0.58 24.57
N LYS A 349 -6.60 -0.63 23.58
CA LYS A 349 -7.92 -0.06 23.77
C LYS A 349 -8.65 -0.82 24.87
N THR A 350 -8.28 -2.11 25.04
CA THR A 350 -8.91 -3.00 26.00
C THR A 350 -8.45 -2.69 27.40
N TYR A 351 -7.15 -2.52 27.54
CA TYR A 351 -6.60 -2.13 28.81
C TYR A 351 -7.20 -0.71 29.15
N GLU A 352 -7.18 0.24 28.21
CA GLU A 352 -7.71 1.59 28.46
C GLU A 352 -9.15 1.58 28.95
N THR A 353 -10.01 0.82 28.28
CA THR A 353 -11.41 0.67 28.66
C THR A 353 -11.49 0.15 30.10
N THR A 354 -10.65 -0.84 30.39
CA THR A 354 -10.65 -1.47 31.69
C THR A 354 -10.14 -0.58 32.84
N LEU A 355 -9.08 0.20 32.62
CA LEU A 355 -8.61 1.09 33.68
C LEU A 355 -9.67 2.18 33.90
N GLU A 356 -10.29 2.66 32.83
CA GLU A 356 -11.28 3.71 32.99
C GLU A 356 -12.39 3.19 33.88
N LYS A 357 -13.20 2.29 33.33
CA LYS A 357 -14.30 1.68 34.05
C LYS A 357 -13.91 1.30 35.48
N CYS A 358 -12.72 0.76 35.66
CA CYS A 358 -12.31 0.29 36.97
C CYS A 358 -11.73 1.33 37.95
N CYS A 359 -10.68 2.05 37.54
CA CYS A 359 -10.07 3.06 38.41
C CYS A 359 -11.08 3.96 39.12
N ALA A 360 -12.28 4.05 38.56
CA ALA A 360 -13.33 4.86 39.17
C ALA A 360 -14.42 3.94 39.72
N ALA A 361 -14.00 2.99 40.55
CA ALA A 361 -14.90 2.04 41.18
C ALA A 361 -14.36 1.51 42.50
N ALA A 362 -15.22 0.79 43.23
CA ALA A 362 -14.92 0.27 44.56
C ALA A 362 -13.50 -0.11 44.90
N ASP A 363 -13.04 -1.19 44.27
CA ASP A 363 -11.69 -1.71 44.46
C ASP A 363 -11.04 -1.86 43.08
N PRO A 364 -10.13 -0.94 42.73
CA PRO A 364 -9.45 -0.99 41.43
C PRO A 364 -8.82 -2.34 41.16
N HIS A 365 -7.91 -2.73 42.03
CA HIS A 365 -7.19 -3.99 41.91
C HIS A 365 -8.13 -5.17 41.65
N GLU A 366 -9.34 -5.11 42.21
CA GLU A 366 -10.33 -6.19 42.17
C GLU A 366 -11.49 -5.95 41.21
N CYS A 367 -11.14 -5.41 40.06
CA CYS A 367 -12.11 -5.06 39.03
C CYS A 367 -11.36 -5.27 37.75
N TYR A 368 -10.15 -4.76 37.75
CA TYR A 368 -9.30 -4.86 36.60
C TYR A 368 -8.31 -6.00 36.75
N ALA A 369 -8.31 -6.65 37.90
CA ALA A 369 -7.48 -7.84 38.15
C ALA A 369 -7.47 -8.86 36.98
N LYS A 370 -8.60 -9.03 36.30
CA LYS A 370 -8.69 -10.03 35.23
C LYS A 370 -8.58 -9.48 33.79
N VAL A 371 -7.75 -8.46 33.59
CA VAL A 371 -7.63 -7.83 32.28
C VAL A 371 -6.85 -8.66 31.27
N PHE A 372 -5.64 -9.10 31.65
CA PHE A 372 -4.87 -9.93 30.75
C PHE A 372 -5.61 -11.17 30.24
N ASP A 373 -6.75 -11.57 30.84
CA ASP A 373 -7.48 -12.73 30.30
C ASP A 373 -8.23 -12.30 29.02
N GLU A 374 -8.61 -11.02 28.94
CA GLU A 374 -9.33 -10.49 27.78
C GLU A 374 -8.49 -10.39 26.52
N PHE A 375 -7.18 -10.49 26.69
CA PHE A 375 -6.28 -10.39 25.56
C PHE A 375 -6.31 -11.70 24.72
N LYS A 376 -6.30 -12.83 25.42
CA LYS A 376 -6.32 -14.17 24.81
C LYS A 376 -7.24 -14.33 23.58
N PRO A 377 -8.56 -14.07 23.74
CA PRO A 377 -9.43 -14.19 22.57
C PRO A 377 -8.98 -13.34 21.40
N LEU A 378 -8.67 -12.08 21.69
CA LEU A 378 -8.26 -11.13 20.65
C LEU A 378 -7.05 -11.55 19.86
N VAL A 379 -6.12 -12.23 20.54
CA VAL A 379 -4.85 -12.70 20.04
C VAL A 379 -4.91 -13.99 19.21
N GLU A 380 -6.05 -14.66 19.23
CA GLU A 380 -6.17 -15.93 18.54
C GLU A 380 -7.12 -15.90 17.36
N GLU A 381 -8.10 -15.01 17.43
CA GLU A 381 -9.04 -14.85 16.34
C GLU A 381 -8.21 -14.64 15.03
N PRO A 382 -7.25 -13.68 15.03
CA PRO A 382 -6.41 -13.48 13.81
C PRO A 382 -5.37 -14.60 13.63
N GLN A 383 -4.94 -15.20 14.73
CA GLN A 383 -3.93 -16.25 14.69
C GLN A 383 -4.53 -17.45 13.96
N ASN A 384 -5.76 -17.78 14.35
CA ASN A 384 -6.50 -18.88 13.75
C ASN A 384 -6.78 -18.59 12.29
N LEU A 385 -7.23 -17.38 12.00
CA LEU A 385 -7.50 -17.05 10.62
C LEU A 385 -6.29 -17.34 9.75
N ILE A 386 -5.09 -17.18 10.30
CA ILE A 386 -3.85 -17.44 9.56
C ILE A 386 -3.57 -18.94 9.49
N LYS A 387 -3.80 -19.70 10.57
CA LYS A 387 -3.57 -21.14 10.48
C LYS A 387 -4.50 -21.70 9.39
N GLN A 388 -5.80 -21.41 9.45
CA GLN A 388 -6.77 -21.91 8.46
C GLN A 388 -6.53 -21.45 7.00
N ASN A 389 -6.23 -20.17 6.80
CA ASN A 389 -6.06 -19.72 5.42
C ASN A 389 -4.81 -20.22 4.75
N CYS A 390 -3.73 -20.33 5.51
CA CYS A 390 -2.48 -20.83 4.94
C CYS A 390 -2.52 -22.35 4.72
N GLU A 391 -3.46 -23.03 5.37
CA GLU A 391 -3.60 -24.47 5.25
C GLU A 391 -4.54 -24.77 4.08
N LEU A 392 -5.64 -24.05 4.03
CA LEU A 392 -6.58 -24.16 2.93
C LEU A 392 -5.76 -23.84 1.65
N PHE A 393 -4.88 -22.85 1.75
CA PHE A 393 -4.05 -22.42 0.65
C PHE A 393 -3.03 -23.45 0.19
N GLU A 394 -2.74 -24.44 1.02
CA GLU A 394 -1.78 -25.47 0.62
C GLU A 394 -2.51 -26.67 -0.05
N GLN A 395 -3.75 -26.96 0.37
CA GLN A 395 -4.55 -28.06 -0.19
C GLN A 395 -4.89 -27.68 -1.64
N LEU A 396 -5.60 -26.56 -1.78
CA LEU A 396 -5.92 -25.99 -3.08
C LEU A 396 -4.60 -25.23 -3.25
N GLY A 397 -4.30 -24.73 -4.45
CA GLY A 397 -3.07 -23.96 -4.63
C GLY A 397 -3.50 -22.52 -4.78
N GLU A 398 -2.62 -21.63 -5.24
CA GLU A 398 -3.02 -20.23 -5.35
C GLU A 398 -4.37 -19.96 -6.02
N TYR A 399 -4.49 -20.39 -7.27
CA TYR A 399 -5.68 -20.10 -8.07
C TYR A 399 -7.00 -20.69 -7.58
N LYS A 400 -6.95 -21.92 -7.07
CA LYS A 400 -8.15 -22.54 -6.51
C LYS A 400 -8.47 -21.88 -5.15
N PHE A 401 -7.45 -21.42 -4.44
CA PHE A 401 -7.65 -20.77 -3.15
C PHE A 401 -8.35 -19.45 -3.48
N GLN A 402 -7.97 -18.84 -4.61
CA GLN A 402 -8.59 -17.59 -5.02
C GLN A 402 -10.06 -17.87 -5.29
N ASN A 403 -10.34 -18.98 -5.95
CA ASN A 403 -11.70 -19.38 -6.26
C ASN A 403 -12.52 -19.69 -5.01
N ALA A 404 -11.90 -20.29 -4.01
CA ALA A 404 -12.61 -20.56 -2.77
C ALA A 404 -12.99 -19.20 -2.13
N LEU A 405 -12.07 -18.23 -2.12
CA LEU A 405 -12.38 -16.90 -1.57
C LEU A 405 -13.49 -16.29 -2.41
N LEU A 406 -13.38 -16.46 -3.73
CA LEU A 406 -14.39 -15.93 -4.63
C LEU A 406 -15.79 -16.35 -4.17
N VAL A 407 -16.02 -17.65 -3.92
CA VAL A 407 -17.35 -18.11 -3.51
C VAL A 407 -17.72 -17.58 -2.13
N ARG A 408 -16.76 -17.58 -1.22
CA ARG A 408 -17.01 -17.08 0.12
C ARG A 408 -17.58 -15.66 0.13
N TYR A 409 -16.85 -14.72 -0.44
CA TYR A 409 -17.26 -13.32 -0.45
C TYR A 409 -18.52 -13.03 -1.24
N THR A 410 -18.61 -13.62 -2.43
CA THR A 410 -19.77 -13.44 -3.27
C THR A 410 -21.03 -13.73 -2.46
N LYS A 411 -21.03 -14.85 -1.71
CA LYS A 411 -22.17 -15.17 -0.85
C LYS A 411 -22.35 -14.14 0.27
N LYS A 412 -21.26 -13.66 0.87
CA LYS A 412 -21.35 -12.71 1.97
C LYS A 412 -21.91 -11.38 1.51
N VAL A 413 -21.51 -10.92 0.32
CA VAL A 413 -21.97 -9.67 -0.26
C VAL A 413 -22.25 -9.76 -1.78
N PRO A 414 -23.34 -10.44 -2.15
CA PRO A 414 -23.65 -10.61 -3.58
C PRO A 414 -23.95 -9.33 -4.35
N GLN A 415 -24.24 -8.23 -3.64
CA GLN A 415 -24.53 -6.97 -4.32
C GLN A 415 -23.31 -6.36 -5.02
N VAL A 416 -22.11 -6.67 -4.53
CA VAL A 416 -20.87 -6.15 -5.11
C VAL A 416 -20.70 -6.54 -6.58
N SER A 417 -20.17 -5.62 -7.38
CA SER A 417 -19.97 -5.91 -8.78
C SER A 417 -19.00 -7.08 -8.91
N THR A 418 -19.22 -7.86 -9.94
CA THR A 418 -18.40 -9.02 -10.29
C THR A 418 -16.92 -8.57 -10.48
N PRO A 419 -16.66 -7.47 -11.23
CA PRO A 419 -15.24 -7.05 -11.40
C PRO A 419 -14.60 -6.72 -10.06
N THR A 420 -15.37 -6.18 -9.12
CA THR A 420 -14.78 -5.87 -7.82
C THR A 420 -14.56 -7.17 -7.02
N LEU A 421 -15.50 -8.12 -7.09
CA LEU A 421 -15.33 -9.37 -6.33
C LEU A 421 -14.11 -10.13 -6.85
N VAL A 422 -13.98 -10.15 -8.17
CA VAL A 422 -12.89 -10.81 -8.86
C VAL A 422 -11.53 -10.18 -8.54
N GLU A 423 -11.40 -8.87 -8.70
CA GLU A 423 -10.12 -8.23 -8.38
C GLU A 423 -9.80 -8.34 -6.87
N VAL A 424 -10.80 -8.24 -5.99
CA VAL A 424 -10.53 -8.38 -4.55
C VAL A 424 -10.15 -9.82 -4.19
N SER A 425 -10.94 -10.82 -4.60
CA SER A 425 -10.56 -12.18 -4.28
C SER A 425 -9.17 -12.49 -4.88
N ARG A 426 -8.85 -11.92 -6.03
CA ARG A 426 -7.54 -12.21 -6.61
C ARG A 426 -6.44 -11.62 -5.73
N ASN A 427 -6.51 -10.31 -5.43
CA ASN A 427 -5.51 -9.69 -4.55
C ASN A 427 -5.45 -10.35 -3.16
N LEU A 428 -6.60 -10.73 -2.59
CA LEU A 428 -6.55 -11.40 -1.28
C LEU A 428 -5.87 -12.77 -1.45
N GLY A 429 -5.99 -13.34 -2.65
CA GLY A 429 -5.38 -14.62 -2.99
C GLY A 429 -3.87 -14.45 -3.05
N LYS A 430 -3.43 -13.32 -3.60
CA LYS A 430 -2.01 -13.02 -3.67
C LYS A 430 -1.43 -12.77 -2.25
N VAL A 431 -2.23 -12.25 -1.31
CA VAL A 431 -1.73 -12.01 0.05
C VAL A 431 -1.51 -13.34 0.76
N GLY A 432 -2.34 -14.33 0.47
CA GLY A 432 -2.11 -15.62 1.11
C GLY A 432 -0.80 -16.22 0.59
N SER A 433 -0.59 -16.16 -0.72
CA SER A 433 0.60 -16.73 -1.32
C SER A 433 1.88 -16.08 -0.83
N LYS A 434 1.78 -14.78 -0.59
CA LYS A 434 2.93 -14.07 -0.08
C LYS A 434 3.17 -14.49 1.35
N CYS A 435 2.30 -13.98 2.20
CA CYS A 435 2.44 -14.17 3.62
C CYS A 435 2.51 -15.57 4.17
N CYS A 436 1.82 -16.48 3.54
CA CYS A 436 1.78 -17.85 3.99
C CYS A 436 3.06 -18.67 3.93
N LYS A 437 3.95 -18.35 2.99
CA LYS A 437 5.18 -19.12 2.93
C LYS A 437 6.03 -18.77 4.17
N HIS A 438 5.81 -17.55 4.69
CA HIS A 438 6.46 -17.05 5.92
C HIS A 438 6.25 -18.02 7.11
N PRO A 439 7.07 -17.88 8.17
CA PRO A 439 6.92 -18.72 9.36
C PRO A 439 5.87 -18.06 10.25
N GLU A 440 5.25 -18.83 11.14
CA GLU A 440 4.22 -18.34 12.08
C GLU A 440 4.61 -17.02 12.74
N ALA A 441 5.92 -16.81 12.87
CA ALA A 441 6.47 -15.62 13.51
C ALA A 441 6.33 -14.30 12.77
N LYS A 442 6.29 -14.32 11.44
CA LYS A 442 6.23 -13.07 10.67
C LYS A 442 4.99 -12.99 9.80
N ARG A 443 4.06 -13.90 10.05
CA ARG A 443 2.85 -13.96 9.24
C ARG A 443 1.84 -12.83 9.43
N MET A 444 1.48 -12.53 10.69
CA MET A 444 0.50 -11.50 10.99
C MET A 444 0.96 -10.12 10.53
N PRO A 445 2.21 -9.77 10.85
CA PRO A 445 2.54 -8.43 10.35
C PRO A 445 2.40 -8.38 8.83
N CYS A 446 2.78 -9.47 8.16
CA CYS A 446 2.71 -9.52 6.70
C CYS A 446 1.30 -9.26 6.16
N ALA A 447 0.32 -10.05 6.60
CA ALA A 447 -1.06 -9.89 6.17
C ALA A 447 -1.60 -8.48 6.56
N GLU A 448 -1.48 -8.04 7.80
CA GLU A 448 -1.91 -6.67 8.13
C GLU A 448 -1.46 -5.71 7.03
N ASP A 449 -0.15 -5.69 6.78
CA ASP A 449 0.43 -4.83 5.77
C ASP A 449 -0.41 -4.77 4.50
N TYR A 450 -0.63 -5.93 3.90
CA TYR A 450 -1.36 -6.07 2.65
C TYR A 450 -2.86 -5.98 2.68
N LEU A 451 -3.48 -6.55 3.70
CA LEU A 451 -4.92 -6.47 3.81
C LEU A 451 -5.36 -5.03 3.90
N SER A 452 -4.69 -4.18 4.67
CA SER A 452 -5.24 -2.84 4.77
C SER A 452 -5.27 -2.10 3.44
N VAL A 453 -4.30 -2.29 2.56
CA VAL A 453 -4.39 -1.64 1.27
C VAL A 453 -5.53 -2.29 0.48
N VAL A 454 -5.60 -3.62 0.49
CA VAL A 454 -6.67 -4.26 -0.27
C VAL A 454 -8.02 -3.74 0.22
N LEU A 455 -8.25 -3.78 1.53
CA LEU A 455 -9.50 -3.31 2.10
C LEU A 455 -9.77 -1.82 1.82
N ASN A 456 -8.75 -0.97 1.84
CA ASN A 456 -9.04 0.43 1.55
C ASN A 456 -9.41 0.64 0.07
N GLN A 457 -8.78 -0.12 -0.83
CA GLN A 457 -9.09 -0.03 -2.25
C GLN A 457 -10.55 -0.42 -2.41
N LEU A 458 -10.92 -1.58 -1.86
CA LEU A 458 -12.29 -2.06 -1.94
C LEU A 458 -13.26 -0.97 -1.43
N CYS A 459 -12.96 -0.36 -0.29
CA CYS A 459 -13.81 0.70 0.28
C CYS A 459 -13.92 1.91 -0.67
N VAL A 460 -12.78 2.49 -1.09
CA VAL A 460 -12.75 3.60 -2.06
C VAL A 460 -13.70 3.31 -3.24
N LEU A 461 -13.43 2.24 -3.99
CA LEU A 461 -14.27 1.87 -5.12
C LEU A 461 -15.74 1.83 -4.73
N HIS A 462 -16.00 1.39 -3.49
CA HIS A 462 -17.34 1.26 -2.97
C HIS A 462 -17.95 2.61 -2.62
N GLU A 463 -17.14 3.50 -2.05
CA GLU A 463 -17.59 4.85 -1.68
C GLU A 463 -18.26 5.56 -2.85
N LYS A 464 -17.66 5.49 -4.03
CA LYS A 464 -18.19 6.15 -5.22
C LYS A 464 -19.53 5.54 -5.60
N THR A 465 -19.52 4.25 -5.86
CA THR A 465 -20.73 3.56 -6.22
C THR A 465 -21.15 2.59 -5.09
N PRO A 466 -21.72 3.14 -3.97
CA PRO A 466 -22.15 2.35 -2.81
C PRO A 466 -23.22 1.36 -3.23
N VAL A 467 -23.11 0.15 -2.71
CA VAL A 467 -23.94 -0.96 -3.13
C VAL A 467 -24.33 -1.91 -2.00
N SER A 468 -23.74 -1.70 -0.83
CA SER A 468 -24.03 -2.53 0.34
C SER A 468 -23.69 -1.77 1.63
N ASP A 469 -24.70 -1.51 2.45
CA ASP A 469 -24.53 -0.79 3.71
C ASP A 469 -23.53 -1.47 4.64
N ARG A 470 -23.50 -2.79 4.59
CA ARG A 470 -22.60 -3.60 5.41
C ARG A 470 -21.13 -3.34 5.04
N VAL A 471 -20.81 -3.37 3.74
CA VAL A 471 -19.45 -3.02 3.33
C VAL A 471 -19.24 -1.60 3.89
N THR A 472 -20.19 -0.70 3.65
CA THR A 472 -20.07 0.67 4.15
C THR A 472 -19.88 0.71 5.68
N LYS A 473 -20.65 -0.07 6.44
CA LYS A 473 -20.50 -0.12 7.91
C LYS A 473 -19.03 -0.50 8.24
N CYS A 474 -18.53 -1.61 7.69
CA CYS A 474 -17.14 -1.99 7.94
C CYS A 474 -16.16 -0.92 7.43
N CYS A 475 -16.47 -0.28 6.31
CA CYS A 475 -15.57 0.75 5.76
C CYS A 475 -15.41 2.05 6.55
N THR A 476 -16.41 2.41 7.35
CA THR A 476 -16.33 3.65 8.14
C THR A 476 -16.35 3.34 9.64
N GLU A 477 -15.68 2.26 9.96
CA GLU A 477 -15.51 1.76 11.32
C GLU A 477 -14.07 2.11 11.73
N SER A 478 -13.73 1.95 13.01
CA SER A 478 -12.39 2.27 13.44
C SER A 478 -11.38 1.51 12.57
N LEU A 479 -10.24 2.13 12.30
CA LEU A 479 -9.20 1.49 11.48
C LEU A 479 -8.85 0.14 12.11
N VAL A 480 -9.11 0.00 13.40
CA VAL A 480 -8.78 -1.22 14.14
C VAL A 480 -9.86 -2.31 14.00
N ASN A 481 -11.11 -1.90 13.78
CA ASN A 481 -12.21 -2.85 13.63
C ASN A 481 -12.49 -3.18 12.15
N ARG A 482 -11.69 -2.64 11.24
CA ARG A 482 -11.97 -2.84 9.83
C ARG A 482 -11.97 -4.28 9.37
N ARG A 483 -10.83 -4.96 9.47
CA ARG A 483 -10.76 -6.35 9.08
C ARG A 483 -11.62 -7.23 9.99
N PRO A 484 -11.62 -6.98 11.32
CA PRO A 484 -12.51 -7.88 12.09
C PRO A 484 -13.94 -7.78 11.56
N CYS A 485 -14.36 -6.57 11.21
CA CYS A 485 -15.72 -6.35 10.69
C CYS A 485 -15.93 -7.13 9.40
N PHE A 486 -15.05 -6.99 8.41
CA PHE A 486 -15.23 -7.74 7.17
C PHE A 486 -15.22 -9.23 7.44
N SER A 487 -14.42 -9.66 8.41
CA SER A 487 -14.36 -11.07 8.72
C SER A 487 -15.64 -11.48 9.42
N ALA A 488 -16.38 -10.50 9.91
CA ALA A 488 -17.63 -10.79 10.61
C ALA A 488 -18.84 -10.98 9.68
N LEU A 489 -18.71 -10.55 8.43
CA LEU A 489 -19.79 -10.69 7.43
C LEU A 489 -20.23 -12.12 7.25
N GLU A 490 -21.53 -12.33 7.29
CA GLU A 490 -22.09 -13.66 7.14
C GLU A 490 -22.84 -13.72 5.85
N VAL A 491 -23.11 -14.94 5.40
CA VAL A 491 -23.88 -15.17 4.17
C VAL A 491 -25.11 -14.24 4.19
N ASP A 492 -25.41 -13.62 3.05
CA ASP A 492 -26.52 -12.68 2.99
C ASP A 492 -27.82 -13.43 2.82
N GLU A 493 -28.68 -13.29 3.82
CA GLU A 493 -29.94 -14.01 3.86
C GLU A 493 -31.10 -13.37 3.13
N THR A 494 -31.09 -12.04 3.06
CA THR A 494 -32.16 -11.29 2.42
C THR A 494 -32.02 -11.22 0.91
N TYR A 495 -30.88 -11.65 0.39
CA TYR A 495 -30.64 -11.60 -1.06
C TYR A 495 -31.52 -12.56 -1.87
N VAL A 496 -32.17 -12.01 -2.89
CA VAL A 496 -33.00 -12.79 -3.79
C VAL A 496 -32.13 -13.08 -5.03
N PRO A 497 -32.02 -14.37 -5.40
CA PRO A 497 -31.19 -14.83 -6.52
C PRO A 497 -31.34 -13.98 -7.78
N LYS A 498 -30.23 -13.77 -8.48
CA LYS A 498 -30.25 -12.92 -9.67
C LYS A 498 -30.94 -13.53 -10.89
N GLU A 499 -31.68 -12.70 -11.62
CA GLU A 499 -32.37 -13.16 -12.82
C GLU A 499 -31.37 -13.82 -13.75
N PHE A 500 -31.66 -15.05 -14.13
CA PHE A 500 -30.75 -15.79 -14.99
C PHE A 500 -30.51 -15.08 -16.31
N ASN A 501 -29.38 -15.36 -16.94
CA ASN A 501 -29.05 -14.71 -18.20
C ASN A 501 -28.04 -15.60 -18.93
N ALA A 502 -28.48 -16.13 -20.07
CA ALA A 502 -27.71 -17.05 -20.88
C ALA A 502 -26.41 -16.49 -21.44
N GLU A 503 -26.46 -15.28 -21.96
CA GLU A 503 -25.28 -14.64 -22.51
C GLU A 503 -24.09 -14.82 -21.55
N THR A 504 -24.33 -14.45 -20.29
CA THR A 504 -23.34 -14.51 -19.21
C THR A 504 -22.63 -15.86 -19.09
N PHE A 505 -23.36 -16.95 -19.30
CA PHE A 505 -22.81 -18.31 -19.18
C PHE A 505 -22.43 -18.96 -20.53
N THR A 506 -22.35 -18.18 -21.59
CA THR A 506 -21.99 -18.73 -22.88
C THR A 506 -20.51 -18.54 -23.14
N PHE A 507 -19.89 -19.56 -23.71
CA PHE A 507 -18.47 -19.50 -24.00
C PHE A 507 -18.15 -19.73 -25.48
N HIS A 508 -16.89 -19.48 -25.83
CA HIS A 508 -16.39 -19.63 -27.19
C HIS A 508 -14.89 -20.01 -27.18
N ALA A 509 -14.40 -20.53 -28.30
CA ALA A 509 -13.02 -21.00 -28.43
C ALA A 509 -11.93 -19.97 -28.21
N ASP A 510 -12.29 -18.70 -28.36
CA ASP A 510 -11.33 -17.63 -28.05
C ASP A 510 -10.67 -18.05 -26.74
N ILE A 511 -11.46 -18.51 -25.76
CA ILE A 511 -10.89 -18.88 -24.46
C ILE A 511 -9.99 -20.13 -24.42
N CYS A 512 -9.96 -20.92 -25.49
CA CYS A 512 -9.03 -22.03 -25.55
C CYS A 512 -7.68 -21.34 -25.86
N THR A 513 -7.78 -20.24 -26.60
CA THR A 513 -6.62 -19.49 -27.05
C THR A 513 -6.35 -18.17 -26.34
N LEU A 514 -6.86 -18.07 -25.13
CA LEU A 514 -6.65 -16.89 -24.30
C LEU A 514 -5.55 -17.21 -23.29
N SER A 515 -4.86 -16.18 -22.80
CA SER A 515 -3.77 -16.36 -21.84
C SER A 515 -4.27 -16.75 -20.45
N GLU A 516 -3.38 -17.33 -19.64
CA GLU A 516 -3.71 -17.72 -18.28
C GLU A 516 -4.32 -16.54 -17.49
N LYS A 517 -3.52 -15.50 -17.22
CA LYS A 517 -3.98 -14.31 -16.48
C LYS A 517 -5.19 -13.61 -17.09
N GLU A 518 -5.85 -14.29 -18.03
CA GLU A 518 -7.00 -13.75 -18.74
C GLU A 518 -8.14 -14.77 -18.86
N ARG A 519 -7.77 -16.04 -18.90
CA ARG A 519 -8.69 -17.18 -19.01
C ARG A 519 -9.31 -17.32 -17.63
N GLN A 520 -8.44 -17.25 -16.62
CA GLN A 520 -8.85 -17.32 -15.21
C GLN A 520 -9.85 -16.21 -14.92
N ILE A 521 -9.60 -14.99 -15.37
CA ILE A 521 -10.56 -13.96 -15.04
C ILE A 521 -11.96 -14.25 -15.58
N LYS A 522 -12.09 -14.75 -16.82
CA LYS A 522 -13.42 -15.07 -17.34
C LYS A 522 -14.00 -16.27 -16.56
N LYS A 523 -13.17 -17.24 -16.22
CA LYS A 523 -13.64 -18.38 -15.43
C LYS A 523 -14.13 -17.84 -14.08
N GLN A 524 -13.28 -17.06 -13.41
CA GLN A 524 -13.59 -16.44 -12.12
C GLN A 524 -14.76 -15.51 -12.25
N THR A 525 -14.91 -14.87 -13.40
CA THR A 525 -16.04 -13.98 -13.60
C THR A 525 -17.34 -14.77 -13.61
N ALA A 526 -17.38 -15.85 -14.38
CA ALA A 526 -18.57 -16.71 -14.49
C ALA A 526 -18.91 -17.39 -13.17
N LEU A 527 -17.88 -17.77 -12.41
CA LEU A 527 -18.06 -18.43 -11.11
C LEU A 527 -18.84 -17.49 -10.22
N VAL A 528 -18.43 -16.23 -10.17
CA VAL A 528 -19.12 -15.24 -9.36
C VAL A 528 -20.56 -15.15 -9.84
N GLU A 529 -20.73 -14.96 -11.15
CA GLU A 529 -22.06 -14.84 -11.70
C GLU A 529 -22.91 -16.05 -11.36
N LEU A 530 -22.26 -17.21 -11.33
CA LEU A 530 -22.92 -18.47 -10.99
C LEU A 530 -23.49 -18.43 -9.58
N VAL A 531 -22.65 -18.02 -8.63
CA VAL A 531 -23.04 -17.93 -7.24
C VAL A 531 -24.16 -16.90 -7.08
N LYS A 532 -24.04 -15.78 -7.78
CA LYS A 532 -25.06 -14.78 -7.70
C LYS A 532 -26.40 -15.28 -8.21
N HIS A 533 -26.39 -16.15 -9.23
CA HIS A 533 -27.67 -16.69 -9.74
C HIS A 533 -28.24 -17.82 -8.87
N LYS A 534 -27.38 -18.64 -8.27
CA LYS A 534 -27.83 -19.68 -7.34
C LYS A 534 -27.03 -19.63 -6.02
N PRO A 535 -27.31 -18.62 -5.18
CA PRO A 535 -26.59 -18.46 -3.91
C PRO A 535 -26.65 -19.70 -3.00
N LYS A 536 -27.81 -20.36 -2.95
CA LYS A 536 -27.96 -21.56 -2.15
C LYS A 536 -27.12 -22.76 -2.66
N ALA A 537 -26.55 -22.71 -3.86
CA ALA A 537 -25.78 -23.89 -4.32
C ALA A 537 -24.71 -24.27 -3.29
N THR A 538 -24.54 -25.58 -3.09
CA THR A 538 -23.63 -26.10 -2.07
C THR A 538 -22.25 -26.52 -2.57
N LYS A 539 -21.32 -26.67 -1.64
CA LYS A 539 -19.95 -27.08 -1.95
C LYS A 539 -19.88 -28.23 -2.99
N GLU A 540 -20.76 -29.22 -2.85
CA GLU A 540 -20.80 -30.37 -3.76
C GLU A 540 -21.45 -30.01 -5.11
N GLN A 541 -22.65 -29.44 -5.04
CA GLN A 541 -23.41 -29.02 -6.22
C GLN A 541 -22.66 -27.99 -7.06
N LEU A 542 -21.71 -27.30 -6.45
CA LEU A 542 -20.95 -26.30 -7.16
C LEU A 542 -19.80 -27.02 -7.86
N LYS A 543 -19.09 -27.83 -7.10
CA LYS A 543 -17.97 -28.60 -7.64
C LYS A 543 -18.45 -29.42 -8.85
N ALA A 544 -19.66 -29.98 -8.76
CA ALA A 544 -20.20 -30.78 -9.86
C ALA A 544 -20.28 -29.92 -11.13
N VAL A 545 -20.77 -28.68 -11.01
CA VAL A 545 -20.85 -27.78 -12.15
C VAL A 545 -19.44 -27.35 -12.59
N MET A 546 -18.59 -26.95 -11.64
CA MET A 546 -17.22 -26.56 -11.97
C MET A 546 -16.48 -27.68 -12.70
N ASP A 547 -16.78 -28.95 -12.36
CA ASP A 547 -16.11 -30.09 -12.98
C ASP A 547 -16.63 -30.35 -14.37
N ASP A 548 -17.94 -30.18 -14.53
CA ASP A 548 -18.60 -30.27 -15.82
C ASP A 548 -17.94 -29.18 -16.71
N PHE A 549 -18.00 -27.91 -16.29
CA PHE A 549 -17.43 -26.80 -17.07
C PHE A 549 -15.99 -27.04 -17.51
N ALA A 550 -15.23 -27.77 -16.70
CA ALA A 550 -13.83 -28.05 -17.02
C ALA A 550 -13.73 -29.21 -18.00
N ALA A 551 -14.75 -30.06 -18.01
CA ALA A 551 -14.79 -31.16 -18.97
C ALA A 551 -15.44 -30.58 -20.24
N PHE A 552 -16.22 -29.50 -20.09
CA PHE A 552 -16.90 -28.86 -21.22
C PHE A 552 -15.91 -27.96 -21.96
N VAL A 553 -14.98 -27.37 -21.23
CA VAL A 553 -13.99 -26.51 -21.85
C VAL A 553 -12.96 -27.36 -22.59
N GLU A 554 -12.59 -28.51 -21.99
CA GLU A 554 -11.58 -29.37 -22.55
C GLU A 554 -12.03 -30.06 -23.84
N LYS A 555 -13.25 -30.61 -23.80
CA LYS A 555 -13.86 -31.26 -24.97
C LYS A 555 -13.92 -30.28 -26.15
N CYS A 556 -14.41 -29.05 -25.93
CA CYS A 556 -14.48 -28.09 -27.02
C CYS A 556 -13.12 -27.40 -27.34
N CYS A 557 -12.04 -27.78 -26.66
CA CYS A 557 -10.70 -27.23 -26.97
C CYS A 557 -9.72 -28.33 -27.47
N LYS A 558 -9.89 -29.57 -27.00
CA LYS A 558 -9.03 -30.71 -27.38
C LYS A 558 -9.58 -31.40 -28.66
N ALA A 559 -9.29 -32.70 -28.82
CA ALA A 559 -9.69 -33.55 -29.96
C ALA A 559 -11.05 -33.21 -30.59
N ASP A 560 -11.10 -32.06 -31.27
CA ASP A 560 -12.34 -31.54 -31.84
C ASP A 560 -12.10 -30.58 -33.01
N ASP A 561 -13.18 -30.30 -33.76
CA ASP A 561 -13.14 -29.36 -34.87
C ASP A 561 -13.51 -27.96 -34.34
N LYS A 562 -13.70 -27.86 -33.01
CA LYS A 562 -14.01 -26.62 -32.26
C LYS A 562 -15.24 -25.78 -32.70
N GLU A 563 -15.35 -24.60 -32.10
CA GLU A 563 -16.42 -23.63 -32.39
C GLU A 563 -17.87 -24.10 -32.13
N THR A 564 -18.44 -24.88 -33.03
CA THR A 564 -19.82 -25.35 -32.93
C THR A 564 -20.11 -26.21 -31.68
N CYS A 565 -19.06 -26.81 -31.15
CA CYS A 565 -19.16 -27.63 -29.95
C CYS A 565 -19.65 -26.74 -28.79
N PHE A 566 -19.02 -25.57 -28.64
CA PHE A 566 -19.30 -24.56 -27.60
C PHE A 566 -20.73 -24.10 -27.44
N ALA A 567 -21.46 -24.02 -28.56
CA ALA A 567 -22.87 -23.62 -28.49
C ALA A 567 -23.70 -24.88 -28.27
N GLU A 568 -23.29 -26.00 -28.88
CA GLU A 568 -23.98 -27.29 -28.77
C GLU A 568 -23.88 -27.77 -27.32
N GLU A 569 -22.69 -28.26 -26.96
CA GLU A 569 -22.42 -28.72 -25.62
C GLU A 569 -22.77 -27.64 -24.60
N GLY A 570 -22.44 -26.39 -24.96
CA GLY A 570 -22.70 -25.26 -24.08
C GLY A 570 -24.13 -25.15 -23.59
N LYS A 571 -25.09 -25.38 -24.47
CA LYS A 571 -26.46 -25.27 -24.01
C LYS A 571 -26.82 -26.50 -23.16
N LYS A 572 -25.93 -27.50 -23.18
CA LYS A 572 -26.07 -28.74 -22.41
C LYS A 572 -25.40 -28.61 -21.02
N LEU A 573 -25.23 -27.36 -20.60
CA LEU A 573 -24.66 -27.11 -19.28
C LEU A 573 -25.67 -26.10 -18.73
N VAL A 574 -25.79 -24.97 -19.43
CA VAL A 574 -26.72 -23.93 -19.03
C VAL A 574 -28.09 -24.49 -18.62
N ALA A 575 -28.44 -25.67 -19.12
CA ALA A 575 -29.71 -26.28 -18.73
C ALA A 575 -29.53 -27.51 -17.83
N ALA A 576 -28.41 -28.25 -17.98
CA ALA A 576 -28.13 -29.42 -17.12
C ALA A 576 -27.77 -28.92 -15.71
N SER A 577 -26.89 -27.93 -15.70
CA SER A 577 -26.43 -27.28 -14.50
C SER A 577 -27.63 -26.58 -13.86
N GLN A 578 -28.31 -25.77 -14.67
CA GLN A 578 -29.49 -25.02 -14.23
C GLN A 578 -30.56 -25.85 -13.48
N ALA A 579 -30.58 -27.16 -13.69
CA ALA A 579 -31.55 -28.02 -13.02
C ALA A 579 -30.95 -28.83 -11.88
N ALA A 580 -29.62 -28.93 -11.85
CA ALA A 580 -28.91 -29.64 -10.78
C ALA A 580 -28.68 -28.67 -9.61
N LEU A 581 -29.23 -27.47 -9.74
CA LEU A 581 -29.20 -26.40 -8.72
C LEU A 581 -30.62 -25.74 -8.66
N GLY A 582 -31.59 -26.27 -9.42
CA GLY A 582 -32.93 -25.70 -9.43
C GLY A 582 -33.90 -26.13 -8.33
C0A LPC B . 5.28 4.80 1.90
C0B LPC B . 5.12 3.92 4.02
C0C LPC B . 4.10 5.97 3.74
N1 LPC B . 5.28 5.16 3.34
C2 LPC B . 6.55 5.80 3.71
C3 LPC B . 7.54 4.94 4.51
O4 LPC B . 6.88 4.62 5.79
P5 LPC B . 7.60 5.12 7.11
O5A LPC B . 8.41 4.00 7.68
O5B LPC B . 6.53 5.75 8.01
O6 LPC B . 8.59 6.23 6.53
C7 LPC B . 9.86 6.52 7.16
C8 LPC B . 9.83 7.89 7.70
O8 LPC B . 8.97 8.76 7.13
C9 LPC B . 11.08 8.38 8.45
OQ1 LPC B . 13.52 7.13 10.05
OQ2 LPC B . 11.81 7.07 8.41
CA LPC B . 12.35 6.80 9.39
CB LPC B . 11.45 6.14 10.19
CC LPC B . 12.32 5.40 11.30
CD LPC B . 11.54 4.18 11.90
CE LPC B . 11.17 3.63 10.50
CF LPC B . 9.85 3.24 11.17
CG LPC B . 8.79 2.80 10.32
CH LPC B . 7.31 2.89 10.59
CI LPC B . 6.53 3.17 9.31
CJ LPC B . 5.74 1.81 9.28
CK LPC B . 5.59 1.08 8.01
CL LPC B . 4.56 1.62 7.09
CM LPC B . 4.98 1.77 5.71
CN LPC B . 5.93 0.76 5.11
C0A LPC C . 4.30 4.71 -9.04
C0B LPC C . 3.79 2.43 -8.52
C0C LPC C . 5.94 3.33 -7.98
N1 LPC C . 4.84 3.35 -8.95
C2 LPC C . 5.35 2.93 -10.26
C3 LPC C . 4.28 3.18 -11.32
O4 LPC C . 3.65 1.95 -11.66
P5 LPC C . 3.88 1.29 -13.11
O5A LPC C . 3.88 -0.22 -12.95
O5B LPC C . 5.07 1.96 -13.75
O6 LPC C . 2.56 1.71 -13.91
C7 LPC C . 2.61 1.97 -15.31
C8 LPC C . 2.25 0.69 -16.07
O8 LPC C . 0.83 0.53 -16.08
C9 LPC C . 2.89 -0.51 -15.39
OQ1 LPC C . 4.18 0.09 -17.90
OQ2 LPC C . 3.34 -1.43 -16.38
CA LPC C . 4.30 -1.01 -17.39
CB LPC C . 5.43 -1.93 -17.80
CC LPC C . 6.67 -1.11 -18.09
CD LPC C . 7.28 -0.56 -16.80
CE LPC C . 8.03 0.75 -17.06
CF LPC C . 9.48 0.64 -16.63
CG LPC C . 9.98 1.96 -16.07
CH LPC C . 10.90 2.66 -17.07
CI LPC C . 10.37 4.05 -17.42
CJ LPC C . 9.88 4.78 -16.17
CK LPC C . 10.85 4.59 -15.01
CL LPC C . 10.28 3.66 -13.97
CM LPC C . 10.04 4.39 -12.65
CN LPC C . 8.85 3.82 -11.92
C0A LPC D . 15.40 13.06 2.96
C0B LPC D . 14.19 11.46 1.63
C0C LPC D . 15.65 10.71 3.38
N1 LPC D . 15.45 11.73 2.34
C2 LPC D . 16.57 11.68 1.38
C3 LPC D . 16.12 12.28 0.05
O4 LPC D . 15.87 13.67 0.21
P5 LPC D . 16.46 14.73 -0.85
O5A LPC D . 16.82 16.00 -0.11
O5B LPC D . 17.49 14.03 -1.70
O6 LPC D . 15.17 15.04 -1.78
C7 LPC D . 14.87 16.39 -2.17
C8 LPC D . 14.62 16.43 -3.67
O8 LPC D . 15.67 15.73 -4.35
C9 LPC D . 14.59 17.88 -4.14
OQ1 LPC D . 16.70 19.97 -5.97
OQ2 LPC D . 15.82 18.19 -4.80
CA LPC D . 15.83 19.13 -5.91
CB LPC D . 14.75 19.04 -6.98
CC LPC D . 13.49 19.73 -6.48
CD LPC D . 13.77 21.16 -6.04
CE LPC D . 13.62 22.13 -7.21
CF LPC D . 14.82 23.06 -7.30
CG LPC D . 14.51 24.26 -8.19
CH LPC D . 15.67 25.24 -8.19
CI LPC D . 16.43 25.21 -9.52
CJ LPC D . 15.59 25.82 -10.64
CK LPC D . 16.12 27.19 -11.03
CL LPC D . 16.02 27.41 -12.53
CM LPC D . 16.93 28.54 -12.98
CN LPC D . 17.25 28.44 -14.45
C0A LPC E . -8.28 -3.92 10.94
C0B LPC E . -5.97 -3.81 9.98
C0C LPC E . -7.71 -4.73 8.67
N1 LPC E . -7.25 -4.65 10.07
C2 LPC E . -6.97 -5.96 10.66
C3 LPC E . -5.59 -6.13 11.22
O4 LPC E . -4.96 -7.23 10.65
P5 LPC E . -5.15 -8.61 11.39
O5A LPC E . -6.48 -8.69 11.98
O5B LPC E . -3.99 -8.75 12.34
O6 LPC E . -5.01 -9.64 10.14
C7 LPC E . -5.12 -11.13 10.35
C8 LPC E . -5.70 -11.84 9.26
O8 LPC E . -6.75 -12.63 9.48
C9 LPC E . -4.73 -12.49 8.30
OQ1 LPC E . -3.91 -14.43 6.03
OQ2 LPC E . -5.52 -13.36 7.33
CA LPC E . -5.06 -13.77 6.28
CB LPC E . -5.79 -13.44 5.10
CC LPC E . -6.97 -14.28 4.74
CD LPC E . -8.21 -13.79 5.44
CE LPC E . -8.72 -12.39 4.99
CF LPC E . -10.00 -11.82 5.64
CG LPC E . -10.36 -11.06 4.41
CH LPC E . -11.80 -10.70 4.39
CI LPC E . -12.26 -9.37 3.86
CJ LPC E . -13.48 -9.79 2.88
CK LPC E . -13.92 -8.76 1.92
CL LPC E . -15.19 -8.91 1.18
CM LPC E . -15.01 -9.02 -0.30
CN LPC E . -15.68 -7.98 -1.13
C0A LPC F . -4.29 -25.56 -15.34
C0B LPC F . -5.35 -25.19 -17.45
C0C LPC F . -5.88 -23.79 -15.57
N1 LPC F . -5.53 -25.15 -15.99
C2 LPC F . -6.62 -26.07 -15.61
C3 LPC F . -7.31 -26.58 -16.87
O4 LPC F . -8.67 -26.91 -16.56
P5 LPC F . -9.87 -25.96 -17.03
O5A LPC F . -10.81 -26.77 -17.89
O5B LPC F . -9.28 -24.67 -17.55
O6 LPC F . -10.63 -25.63 -15.64
C7 LPC F . -9.91 -25.67 -14.40
C8 LPC F . -10.34 -24.49 -13.53
O8 LPC F . -10.11 -24.81 -12.15
C9 LPC F . -11.82 -24.21 -13.75
OQ1 LPC F . -13.18 -23.29 -11.21
OQ2 LPC F . -12.15 -22.92 -13.24
CA LPC F . -13.25 -22.77 -12.30
CB LPC F . -14.47 -21.97 -12.69
CC LPC F . -15.62 -22.92 -13.02
CD LPC F . -16.54 -22.31 -14.08
CE LPC F . -17.32 -21.13 -13.51
CF LPC F . -18.64 -20.94 -14.25
CG LPC F . -18.98 -22.17 -15.07
CH LPC F . -20.45 -22.55 -14.91
CI LPC F . -21.23 -22.25 -16.18
CJ LPC F . -22.42 -23.20 -16.33
CK LPC F . -23.72 -22.43 -16.50
CL LPC F . -24.71 -22.76 -15.38
CM LPC F . -25.95 -21.89 -15.46
CN LPC F . -26.48 -21.57 -14.08
C0A LPC G . -10.33 6.69 21.07
C0B LPC G . -9.87 4.70 19.80
C0C LPC G . -8.75 6.94 19.33
N1 LPC G . -10.03 6.21 19.71
C2 LPC G . -11.13 6.56 18.79
C3 LPC G . -10.74 7.51 17.62
O4 LPC G . -9.69 6.82 16.87
P5 LPC G . -9.91 5.80 15.66
O5A LPC G . -9.65 6.67 14.55
O5B LPC G . -11.29 5.12 15.74
O6 LPC G . -8.64 4.77 15.98
C7 LPC G . -7.91 5.09 17.31
C8 LPC G . -6.76 4.37 17.86
O8 LPC G . -6.34 3.28 17.21
C9 LPC G . -6.91 4.04 19.32
OQ1 LPC G . -6.88 3.83 21.80
OQ2 LPC G . -5.76 3.33 20.04
CA LPC G . -5.93 3.21 21.23
CB LPC G . -5.08 2.61 22.18
CC LPC G . -4.88 3.54 23.32
CD LPC G . -3.74 4.19 22.90
CE LPC G . -3.38 5.36 23.55
CF LPC G . -2.15 5.61 22.90
CG LPC G . -1.39 6.60 23.51
CH LPC G . -0.08 6.81 22.95
CI LPC G . 0.39 8.11 22.60
CJ LPC G . 1.74 8.14 23.35
CK LPC G . 2.88 8.72 22.56
CL LPC G . 3.79 9.77 23.21
CM LPC G . 4.37 10.89 22.31
CN LPC G . 4.38 12.29 22.89
#